data_6FWY
#
_entry.id   6FWY
#
_cell.length_a   197.700
_cell.length_b   33.732
_cell.length_c   206.052
_cell.angle_alpha   90.000
_cell.angle_beta   105.880
_cell.angle_gamma   90.000
#
_symmetry.space_group_name_H-M   'C 1 2 1'
#
loop_
_entity.id
_entity.type
_entity.pdbx_description
1 polymer 'B-type Cna protein'
2 non-polymer 'TETRAETHYLENE GLYCOL'
3 non-polymer GLYCEROL
4 water water
#
_entity_poly.entity_id   1
_entity_poly.type   'polypeptide(L)'
_entity_poly.pdbx_seq_one_letter_code
;GAMGDVTKPTSAKFIETGVKTDGYIRVNMPNHPNEWMISSQFKDSHGNIGYCMDSELPSPTGSGAGSLKYKGAGSDEFYR
MFKGGFPSKTAKELGAGNDTEAWYATQLVSWVLAGNFKVSQIVWSHPNHTAAETARVKKAFEKIYDYAKNGKDTPNTEFS
ITASKTADEGKYHTFTYKTASNKTGNAKLTFTSAKPAGMKIYDADGKEITNNTVKLNSSFTIKVPVTTPSGTLSFKGTAN
VSTTNPFTFDGRGVYQDAVVMITTSETKDSKSLSAKWTRA
;
_entity_poly.pdbx_strand_id   A,B,C,D
#
loop_
_chem_comp.id
_chem_comp.type
_chem_comp.name
_chem_comp.formula
GOL non-polymer GLYCEROL 'C3 H8 O3'
PG4 non-polymer 'TETRAETHYLENE GLYCOL' 'C8 H18 O5'
#
# COMPACT_ATOMS: atom_id res chain seq x y z
N GLY A 1 38.83 -14.14 -9.88
CA GLY A 1 37.98 -13.70 -8.74
C GLY A 1 36.79 -12.89 -9.23
N ALA A 2 35.64 -13.11 -8.59
CA ALA A 2 34.39 -12.46 -9.01
C ALA A 2 34.23 -11.12 -8.28
N MET A 3 33.38 -10.26 -8.82
CA MET A 3 33.05 -9.02 -8.12
C MET A 3 31.58 -8.96 -7.73
N GLY A 4 31.35 -8.77 -6.44
CA GLY A 4 30.00 -8.74 -5.90
C GLY A 4 29.33 -7.44 -6.24
N ASP A 5 28.01 -7.52 -6.44
CA ASP A 5 27.16 -6.38 -6.71
CA ASP A 5 27.15 -6.37 -6.71
C ASP A 5 26.30 -6.10 -5.47
N VAL A 6 26.65 -5.07 -4.71
CA VAL A 6 25.92 -4.68 -3.51
C VAL A 6 24.72 -3.84 -3.94
N THR A 7 23.53 -4.20 -3.45
CA THR A 7 22.32 -3.43 -3.70
C THR A 7 22.39 -2.15 -2.87
N LYS A 8 22.19 -1.01 -3.51
CA LYS A 8 22.34 0.27 -2.82
C LYS A 8 21.02 0.68 -2.18
N PRO A 9 21.07 1.24 -0.96
CA PRO A 9 19.87 1.89 -0.45
C PRO A 9 19.57 3.14 -1.27
N THR A 10 18.33 3.59 -1.23
CA THR A 10 17.91 4.81 -1.94
C THR A 10 17.74 6.04 -1.07
N SER A 11 17.47 5.87 0.22
CA SER A 11 17.34 6.98 1.18
C SER A 11 17.39 6.52 2.62
N ALA A 12 17.51 7.49 3.52
CA ALA A 12 17.62 7.24 4.96
C ALA A 12 17.00 8.42 5.70
N LYS A 13 16.42 8.13 6.86
CA LYS A 13 15.75 9.08 7.73
C LYS A 13 16.43 8.98 9.07
N PHE A 14 16.80 10.14 9.61
CA PHE A 14 17.56 10.19 10.86
C PHE A 14 16.79 10.91 11.96
N ILE A 15 17.09 10.50 13.19
CA ILE A 15 16.34 10.92 14.37
C ILE A 15 17.38 11.22 15.44
N GLU A 16 17.19 12.30 16.18
CA GLU A 16 18.07 12.67 17.31
C GLU A 16 17.82 11.74 18.49
N THR A 17 18.88 11.31 19.17
CA THR A 17 18.75 10.48 20.38
C THR A 17 18.52 11.28 21.66
N GLY A 18 18.81 12.56 21.63
CA GLY A 18 18.82 13.42 22.83
C GLY A 18 20.22 13.63 23.40
N VAL A 19 21.20 12.85 22.96
CA VAL A 19 22.58 13.04 23.39
C VAL A 19 23.25 14.16 22.58
N LYS A 20 23.87 15.10 23.27
CA LYS A 20 24.63 16.16 22.60
C LYS A 20 25.76 16.65 23.48
N THR A 21 26.73 17.26 22.82
CA THR A 21 27.90 17.80 23.49
C THR A 21 28.41 19.03 22.75
N ASP A 22 29.03 19.93 23.51
CA ASP A 22 29.77 21.05 22.95
C ASP A 22 31.16 20.65 22.46
N GLY A 23 31.57 19.40 22.71
CA GLY A 23 32.83 18.87 22.21
C GLY A 23 33.88 18.86 23.29
N TYR A 24 34.82 17.92 23.17
CA TYR A 24 35.94 17.78 24.09
C TYR A 24 37.27 18.31 23.54
N ILE A 25 37.21 18.81 22.30
CA ILE A 25 38.34 19.34 21.55
C ILE A 25 37.86 20.57 20.80
N ARG A 26 38.82 21.28 20.22
CA ARG A 26 38.54 22.38 19.30
C ARG A 26 39.42 22.15 18.07
N VAL A 27 39.21 22.93 17.03
CA VAL A 27 39.99 22.81 15.81
C VAL A 27 40.40 24.19 15.30
N ASN A 28 41.71 24.35 15.07
CA ASN A 28 42.24 25.45 14.30
C ASN A 28 41.84 25.29 12.83
N MET A 29 40.78 25.98 12.47
CA MET A 29 40.27 26.00 11.12
C MET A 29 40.93 27.15 10.41
N PRO A 30 40.93 27.14 9.07
CA PRO A 30 41.67 28.19 8.35
C PRO A 30 41.39 29.66 8.68
N ASN A 31 40.17 30.05 8.95
CA ASN A 31 39.90 31.46 9.29
C ASN A 31 39.59 31.63 10.80
N HIS A 32 39.68 30.52 11.55
CA HIS A 32 39.08 30.44 12.88
CA HIS A 32 39.11 30.45 12.90
C HIS A 32 39.89 29.56 13.86
N PRO A 33 40.80 30.18 14.63
CA PRO A 33 41.50 29.42 15.65
C PRO A 33 40.56 28.91 16.75
N ASN A 34 40.86 27.72 17.27
CA ASN A 34 40.15 27.16 18.43
C ASN A 34 38.61 27.07 18.25
N GLU A 35 38.18 26.78 17.01
CA GLU A 35 36.76 26.68 16.69
C GLU A 35 36.16 25.43 17.37
N TRP A 36 35.00 25.60 17.99
CA TRP A 36 34.31 24.48 18.67
C TRP A 36 33.72 23.53 17.63
N MET A 37 33.72 22.25 18.00
CA MET A 37 33.14 21.21 17.16
C MET A 37 32.05 20.47 17.95
N ILE A 38 30.89 21.12 17.98
CA ILE A 38 29.73 20.62 18.71
C ILE A 38 29.07 19.52 17.84
N SER A 39 28.25 18.68 18.48
CA SER A 39 27.55 17.64 17.76
C SER A 39 26.34 17.14 18.54
N SER A 40 25.39 16.61 17.77
CA SER A 40 24.19 15.93 18.28
C SER A 40 24.20 14.48 17.81
N GLN A 41 23.99 13.56 18.73
CA GLN A 41 23.94 12.15 18.38
C GLN A 41 22.61 11.82 17.67
N PHE A 42 22.70 11.09 16.58
CA PHE A 42 21.54 10.65 15.82
C PHE A 42 21.67 9.20 15.32
N LYS A 43 20.50 8.62 15.00
CA LYS A 43 20.35 7.27 14.51
C LYS A 43 19.49 7.30 13.27
N ASP A 44 19.62 6.29 12.41
CA ASP A 44 18.69 6.13 11.31
C ASP A 44 17.41 5.48 11.85
N SER A 45 16.38 5.34 11.04
CA SER A 45 15.09 4.84 11.51
C SER A 45 15.05 3.35 11.88
N HIS A 46 16.10 2.59 11.54
CA HIS A 46 16.26 1.20 12.02
C HIS A 46 17.10 1.11 13.32
N GLY A 47 17.43 2.24 13.94
CA GLY A 47 18.15 2.25 15.21
C GLY A 47 19.67 2.13 15.13
N ASN A 48 20.25 2.29 13.94
CA ASN A 48 21.71 2.24 13.79
C ASN A 48 22.29 3.64 13.81
N ILE A 49 23.39 3.80 14.53
CA ILE A 49 24.01 5.09 14.72
C ILE A 49 24.51 5.71 13.42
N GLY A 50 24.22 6.99 13.22
CA GLY A 50 24.76 7.76 12.07
C GLY A 50 25.91 8.64 12.53
N TYR A 51 26.85 8.94 11.62
CA TYR A 51 27.91 9.92 11.90
C TYR A 51 27.92 11.01 10.85
N CYS A 52 28.26 12.21 11.30
CA CYS A 52 28.31 13.41 10.47
C CYS A 52 29.60 13.45 9.61
N MET A 53 29.44 13.81 8.34
CA MET A 53 30.55 13.97 7.38
C MET A 53 31.00 15.41 7.24
N ASP A 54 30.21 16.36 7.71
CA ASP A 54 30.46 17.79 7.50
C ASP A 54 30.37 18.54 8.82
N SER A 55 31.50 19.01 9.35
CA SER A 55 31.54 19.67 10.67
C SER A 55 30.82 21.02 10.76
N GLU A 56 30.55 21.66 9.64
CA GLU A 56 29.99 23.02 9.63
C GLU A 56 28.53 23.10 9.26
N LEU A 57 27.87 21.96 9.13
CA LEU A 57 26.44 21.91 8.78
C LEU A 57 25.66 21.26 9.94
N PRO A 58 24.37 21.64 10.11
CA PRO A 58 23.56 21.04 11.18
C PRO A 58 23.20 19.56 10.94
N SER A 59 22.82 18.88 12.03
CA SER A 59 22.40 17.47 12.00
C SER A 59 21.24 17.21 11.04
N PRO A 60 21.22 16.05 10.39
CA PRO A 60 20.23 15.81 9.32
C PRO A 60 18.92 15.21 9.89
N THR A 61 18.27 15.96 10.78
CA THR A 61 17.13 15.53 11.56
C THR A 61 16.05 16.62 11.61
N GLY A 62 14.83 16.21 11.98
CA GLY A 62 13.66 17.10 12.00
C GLY A 62 12.87 17.10 10.70
N SER A 63 11.79 17.86 10.66
CA SER A 63 10.87 17.89 9.51
C SER A 63 11.50 18.54 8.27
N GLY A 64 12.34 19.53 8.46
CA GLY A 64 13.09 20.17 7.36
C GLY A 64 13.94 19.18 6.60
N ALA A 65 14.82 18.48 7.32
CA ALA A 65 15.66 17.42 6.75
C ALA A 65 14.89 16.36 5.92
N GLY A 66 13.86 15.78 6.53
CA GLY A 66 13.11 14.67 5.95
C GLY A 66 14.04 13.53 5.69
N SER A 67 13.80 12.81 4.62
CA SER A 67 14.75 11.81 4.12
C SER A 67 15.90 12.47 3.33
N LEU A 68 17.10 11.93 3.52
CA LEU A 68 18.27 12.24 2.69
C LEU A 68 18.41 11.13 1.64
N LYS A 69 18.57 11.51 0.39
CA LYS A 69 18.76 10.53 -0.71
C LYS A 69 20.16 9.93 -0.64
N TYR A 70 20.29 8.72 -1.16
CA TYR A 70 21.56 8.00 -1.28
C TYR A 70 22.59 8.84 -2.02
N LYS A 71 23.83 8.87 -1.50
CA LYS A 71 24.92 9.60 -2.11
C LYS A 71 26.00 8.64 -2.65
N GLY A 72 26.49 7.76 -1.79
CA GLY A 72 27.55 6.82 -2.19
C GLY A 72 27.89 5.76 -1.17
N ALA A 73 28.80 4.89 -1.56
CA ALA A 73 29.22 3.75 -0.74
C ALA A 73 30.37 4.19 0.13
N GLY A 74 30.29 3.94 1.42
CA GLY A 74 31.39 4.29 2.34
C GLY A 74 32.63 3.46 2.10
N SER A 75 33.81 4.06 2.28
CA SER A 75 35.07 3.34 2.07
C SER A 75 35.32 2.29 3.16
N ASP A 76 36.34 1.46 2.96
CA ASP A 76 36.80 0.53 3.98
C ASP A 76 37.19 1.23 5.28
N GLU A 77 37.71 2.45 5.18
CA GLU A 77 38.07 3.24 6.36
C GLU A 77 36.82 3.52 7.21
N PHE A 78 35.74 3.96 6.56
CA PHE A 78 34.47 4.18 7.25
C PHE A 78 33.87 2.88 7.79
N TYR A 79 33.97 1.78 7.05
CA TYR A 79 33.55 0.47 7.57
C TYR A 79 34.23 0.18 8.89
N ARG A 80 35.55 0.31 8.91
CA ARG A 80 36.32 0.03 10.11
C ARG A 80 36.04 1.01 11.24
N MET A 81 35.74 2.27 10.92
CA MET A 81 35.37 3.23 11.96
C MET A 81 34.16 2.71 12.75
N PHE A 82 33.14 2.24 12.04
CA PHE A 82 31.97 1.65 12.68
C PHE A 82 32.33 0.39 13.47
N LYS A 83 33.03 -0.55 12.84
CA LYS A 83 33.38 -1.84 13.49
C LYS A 83 34.27 -1.67 14.72
N GLY A 84 35.21 -0.72 14.65
CA GLY A 84 36.16 -0.47 15.74
C GLY A 84 35.83 0.71 16.65
N GLY A 85 34.70 1.36 16.41
CA GLY A 85 34.27 2.52 17.18
C GLY A 85 32.94 2.27 17.89
N PHE A 86 32.35 3.34 18.40
CA PHE A 86 31.16 3.25 19.24
C PHE A 86 29.92 3.16 18.32
N PRO A 87 28.88 2.36 18.65
CA PRO A 87 28.79 1.50 19.84
C PRO A 87 29.18 0.04 19.64
N SER A 88 29.80 -0.29 18.50
CA SER A 88 30.28 -1.65 18.25
C SER A 88 31.29 -2.05 19.32
N LYS A 89 32.19 -1.12 19.66
CA LYS A 89 33.03 -1.27 20.84
C LYS A 89 32.48 -0.42 21.98
N THR A 90 32.64 -0.91 23.21
CA THR A 90 32.16 -0.20 24.39
C THR A 90 33.14 0.91 24.77
N ALA A 91 32.67 1.80 25.64
CA ALA A 91 33.51 2.85 26.21
C ALA A 91 34.78 2.27 26.87
N LYS A 92 34.62 1.27 27.72
CA LYS A 92 35.73 0.61 28.40
C LYS A 92 36.80 0.08 27.42
N GLU A 93 36.35 -0.62 26.39
CA GLU A 93 37.23 -1.15 25.35
C GLU A 93 37.99 -0.07 24.58
N LEU A 94 37.34 1.06 24.35
CA LEU A 94 37.96 2.19 23.65
C LEU A 94 38.85 3.11 24.53
N GLY A 95 38.77 2.99 25.85
CA GLY A 95 39.50 3.87 26.76
C GLY A 95 38.74 5.14 27.11
N ALA A 96 37.53 5.27 26.58
CA ALA A 96 36.65 6.38 26.94
C ALA A 96 36.05 6.12 28.31
N GLY A 97 35.77 7.18 29.05
CA GLY A 97 35.19 7.09 30.39
C GLY A 97 33.69 6.91 30.45
N ASN A 98 32.99 7.21 29.34
CA ASN A 98 31.53 7.04 29.24
C ASN A 98 31.11 6.98 27.77
N ASP A 99 29.85 6.70 27.51
CA ASP A 99 29.33 6.57 26.13
C ASP A 99 29.32 7.85 25.29
N THR A 100 29.22 9.02 25.94
CA THR A 100 29.26 10.30 25.23
C THR A 100 30.66 10.54 24.69
N GLU A 101 31.67 10.29 25.53
CA GLU A 101 33.07 10.39 25.12
C GLU A 101 33.40 9.40 23.99
N ALA A 102 32.91 8.16 24.12
CA ALA A 102 33.14 7.13 23.10
C ALA A 102 32.50 7.51 21.76
N TRP A 103 31.24 7.92 21.82
CA TRP A 103 30.56 8.41 20.63
C TRP A 103 31.27 9.61 19.98
N TYR A 104 31.65 10.60 20.77
CA TYR A 104 32.30 11.80 20.23
C TYR A 104 33.65 11.47 19.59
N ALA A 105 34.42 10.62 20.26
CA ALA A 105 35.69 10.09 19.71
C ALA A 105 35.48 9.50 18.34
N THR A 106 34.40 8.75 18.18
CA THR A 106 34.09 8.15 16.89
C THR A 106 33.69 9.22 15.87
N GLN A 107 32.89 10.20 16.28
CA GLN A 107 32.50 11.32 15.40
C GLN A 107 33.73 12.13 14.97
N LEU A 108 34.71 12.25 15.86
CA LEU A 108 35.95 12.95 15.54
C LEU A 108 36.70 12.23 14.39
N VAL A 109 36.79 10.90 14.49
CA VAL A 109 37.30 10.05 13.39
C VAL A 109 36.51 10.29 12.11
N SER A 110 35.19 10.26 12.17
CA SER A 110 34.37 10.54 11.01
C SER A 110 34.71 11.88 10.33
N TRP A 111 34.84 12.94 11.12
CA TRP A 111 35.15 14.26 10.59
C TRP A 111 36.50 14.30 9.87
N VAL A 112 37.50 13.65 10.46
CA VAL A 112 38.84 13.56 9.89
C VAL A 112 38.84 12.73 8.62
N LEU A 113 38.22 11.54 8.66
CA LEU A 113 38.11 10.68 7.47
C LEU A 113 37.40 11.36 6.31
N ALA A 114 36.40 12.17 6.62
CA ALA A 114 35.65 12.92 5.60
C ALA A 114 36.41 14.16 5.08
N GLY A 115 37.56 14.47 5.68
CA GLY A 115 38.43 15.54 5.19
C GLY A 115 38.09 16.94 5.71
N ASN A 116 37.34 17.03 6.80
CA ASN A 116 36.89 18.32 7.32
C ASN A 116 38.08 19.14 7.90
N PHE A 117 39.02 18.42 8.52
CA PHE A 117 40.27 18.92 9.01
C PHE A 117 41.26 17.76 9.21
N LYS A 118 42.53 18.16 9.25
CA LYS A 118 43.63 17.23 9.52
C LYS A 118 43.82 17.07 11.04
N VAL A 119 44.51 16.00 11.43
CA VAL A 119 44.81 15.72 12.84
C VAL A 119 45.67 16.83 13.46
N SER A 120 46.58 17.42 12.68
CA SER A 120 47.41 18.51 13.16
C SER A 120 46.63 19.79 13.49
N GLN A 121 45.42 19.93 12.96
CA GLN A 121 44.54 21.05 13.32
C GLN A 121 43.78 20.85 14.66
N ILE A 122 43.73 19.63 15.19
CA ILE A 122 42.98 19.38 16.41
C ILE A 122 43.67 19.99 17.62
N VAL A 123 42.94 20.82 18.37
CA VAL A 123 43.37 21.36 19.67
C VAL A 123 42.80 20.48 20.79
N TRP A 124 43.68 19.83 21.54
CA TRP A 124 43.28 18.80 22.52
C TRP A 124 42.94 19.40 23.87
N SER A 125 41.95 20.28 23.86
CA SER A 125 41.48 20.94 25.08
C SER A 125 40.21 21.71 24.74
N HIS A 126 39.37 21.88 25.75
CA HIS A 126 38.10 22.60 25.63
C HIS A 126 37.77 23.25 27.00
N PRO A 127 37.32 24.52 27.00
CA PRO A 127 37.08 25.25 28.28
C PRO A 127 36.03 24.66 29.26
N ASN A 128 35.16 23.79 28.77
CA ASN A 128 34.06 23.17 29.55
C ASN A 128 34.33 21.72 29.98
N HIS A 129 35.51 21.19 29.65
CA HIS A 129 35.86 19.82 30.01
C HIS A 129 37.28 19.75 30.56
N THR A 130 37.51 18.82 31.48
CA THR A 130 38.81 18.70 32.13
C THR A 130 39.81 18.07 31.15
N ALA A 131 41.10 18.21 31.46
CA ALA A 131 42.14 17.58 30.69
C ALA A 131 42.02 16.06 30.66
N ALA A 132 41.57 15.45 31.76
CA ALA A 132 41.39 13.99 31.83
C ALA A 132 40.27 13.49 30.92
N GLU A 133 39.16 14.25 30.87
CA GLU A 133 38.06 13.96 29.92
C GLU A 133 38.56 13.98 28.47
N THR A 134 39.22 15.09 28.10
CA THR A 134 39.72 15.26 26.75
C THR A 134 40.75 14.17 26.41
N ALA A 135 41.62 13.82 27.37
CA ALA A 135 42.65 12.79 27.16
C ALA A 135 42.06 11.38 26.93
N ARG A 136 40.98 11.03 27.62
CA ARG A 136 40.26 9.79 27.34
C ARG A 136 39.70 9.81 25.90
N VAL A 137 39.11 10.94 25.51
CA VAL A 137 38.65 11.13 24.14
C VAL A 137 39.80 10.98 23.11
N LYS A 138 40.93 11.62 23.41
CA LYS A 138 42.12 11.50 22.56
C LYS A 138 42.61 10.05 22.39
N LYS A 139 42.69 9.34 23.51
CA LYS A 139 43.06 7.93 23.54
C LYS A 139 42.09 7.07 22.69
N ALA A 140 40.79 7.26 22.90
CA ALA A 140 39.75 6.58 22.09
C ALA A 140 39.85 6.92 20.61
N PHE A 141 39.98 8.21 20.29
CA PHE A 141 40.20 8.68 18.90
C PHE A 141 41.36 7.97 18.22
N GLU A 142 42.53 7.98 18.87
CA GLU A 142 43.73 7.38 18.29
C GLU A 142 43.60 5.87 18.06
N LYS A 143 42.95 5.18 18.97
CA LYS A 143 42.66 3.77 18.77
C LYS A 143 41.78 3.59 17.53
N ILE A 144 40.66 4.28 17.46
CA ILE A 144 39.69 4.11 16.38
C ILE A 144 40.31 4.53 15.04
N TYR A 145 40.97 5.69 15.03
CA TYR A 145 41.57 6.24 13.82
C TYR A 145 42.65 5.30 13.26
N ASP A 146 43.56 4.84 14.13
CA ASP A 146 44.58 3.89 13.73
C ASP A 146 43.98 2.64 13.06
N TYR A 147 42.92 2.11 13.65
CA TYR A 147 42.22 0.96 13.09
C TYR A 147 41.57 1.30 11.73
N ALA A 148 40.89 2.45 11.65
CA ALA A 148 40.26 2.89 10.40
C ALA A 148 41.26 3.08 9.24
N LYS A 149 42.38 3.74 9.52
CA LYS A 149 43.43 3.96 8.52
C LYS A 149 44.21 2.70 8.20
N ASN A 150 44.62 1.96 9.23
CA ASN A 150 45.64 0.91 9.10
C ASN A 150 45.17 -0.51 9.27
N GLY A 151 43.93 -0.71 9.74
CA GLY A 151 43.35 -2.06 9.90
C GLY A 151 43.10 -2.72 8.55
N LYS A 152 42.92 -4.03 8.56
CA LYS A 152 42.79 -4.82 7.32
C LYS A 152 41.36 -5.23 6.95
N ASP A 153 40.43 -5.21 7.92
CA ASP A 153 39.07 -5.76 7.72
C ASP A 153 38.25 -4.89 6.79
N THR A 154 37.43 -5.55 5.98
CA THR A 154 36.58 -4.90 4.97
C THR A 154 35.21 -5.58 5.04
N PRO A 155 34.19 -5.00 4.35
CA PRO A 155 32.88 -5.67 4.25
C PRO A 155 32.79 -6.76 3.16
N ASN A 156 33.93 -7.23 2.65
CA ASN A 156 34.00 -8.23 1.60
C ASN A 156 33.17 -9.50 1.92
N THR A 157 32.43 -9.94 0.91
CA THR A 157 31.70 -11.20 0.95
C THR A 157 32.62 -12.26 0.35
N GLU A 158 32.94 -13.27 1.14
CA GLU A 158 33.63 -14.47 0.66
C GLU A 158 32.56 -15.44 0.21
N PHE A 159 32.76 -16.05 -0.96
CA PHE A 159 31.89 -17.13 -1.44
C PHE A 159 32.67 -18.12 -2.29
N SER A 160 32.50 -19.41 -1.99
CA SER A 160 33.15 -20.45 -2.77
C SER A 160 32.30 -21.72 -2.85
N ILE A 161 32.42 -22.41 -3.99
CA ILE A 161 31.93 -23.76 -4.17
C ILE A 161 33.15 -24.59 -4.53
N THR A 162 33.39 -25.66 -3.78
CA THR A 162 34.57 -26.48 -3.93
C THR A 162 34.19 -27.97 -3.98
N ALA A 163 34.67 -28.67 -5.01
CA ALA A 163 34.45 -30.11 -5.17
C ALA A 163 35.15 -30.81 -4.02
N SER A 164 34.44 -31.72 -3.36
CA SER A 164 34.98 -32.49 -2.23
C SER A 164 35.23 -33.95 -2.58
N LYS A 165 34.30 -34.57 -3.29
CA LYS A 165 34.43 -35.98 -3.68
C LYS A 165 33.54 -36.34 -4.85
N THR A 166 33.85 -37.45 -5.50
CA THR A 166 33.10 -38.01 -6.61
C THR A 166 32.95 -39.50 -6.36
N ALA A 167 31.84 -40.08 -6.81
CA ALA A 167 31.64 -41.52 -6.72
C ALA A 167 30.51 -41.99 -7.63
N ASP A 168 30.61 -43.24 -8.08
CA ASP A 168 29.49 -43.91 -8.71
C ASP A 168 28.65 -44.53 -7.60
N GLU A 169 27.34 -44.28 -7.65
CA GLU A 169 26.37 -44.73 -6.64
C GLU A 169 25.08 -45.05 -7.36
N GLY A 170 24.62 -46.29 -7.24
CA GLY A 170 23.41 -46.76 -7.93
C GLY A 170 23.51 -46.53 -9.43
N LYS A 171 22.56 -45.82 -10.00
CA LYS A 171 22.51 -45.55 -11.43
C LYS A 171 23.13 -44.18 -11.82
N TYR A 172 23.94 -43.61 -10.94
CA TYR A 172 24.45 -42.24 -11.14
C TYR A 172 25.96 -42.12 -10.93
N HIS A 173 26.59 -41.28 -11.76
CA HIS A 173 27.85 -40.66 -11.40
C HIS A 173 27.48 -39.51 -10.48
N THR A 174 28.13 -39.42 -9.31
CA THR A 174 27.83 -38.38 -8.31
C THR A 174 29.03 -37.43 -8.11
N PHE A 175 28.73 -36.15 -7.91
CA PHE A 175 29.74 -35.12 -7.67
C PHE A 175 29.29 -34.26 -6.51
N THR A 176 30.01 -34.33 -5.39
CA THR A 176 29.68 -33.55 -4.20
C THR A 176 30.55 -32.29 -4.13
N TYR A 177 29.95 -31.19 -3.71
CA TYR A 177 30.60 -29.88 -3.59
C TYR A 177 30.30 -29.26 -2.22
N LYS A 178 31.27 -28.56 -1.63
CA LYS A 178 31.07 -27.76 -0.41
C LYS A 178 30.88 -26.28 -0.74
N THR A 179 29.87 -25.66 -0.15
CA THR A 179 29.65 -24.22 -0.22
C THR A 179 30.24 -23.58 1.04
N ALA A 180 30.73 -22.34 0.90
CA ALA A 180 31.25 -21.58 2.02
C ALA A 180 31.04 -20.08 1.84
N SER A 181 30.73 -19.39 2.93
CA SER A 181 30.57 -17.94 2.92
C SER A 181 30.69 -17.37 4.33
N ASN A 182 31.18 -16.13 4.41
CA ASN A 182 31.14 -15.38 5.67
C ASN A 182 29.87 -14.55 5.84
N LYS A 183 28.90 -14.69 4.93
CA LYS A 183 27.59 -14.02 5.05
C LYS A 183 26.48 -15.07 4.98
N THR A 184 25.33 -14.76 5.55
CA THR A 184 24.17 -15.64 5.53
C THR A 184 23.32 -15.35 4.27
N GLY A 185 22.71 -16.41 3.75
CA GLY A 185 21.91 -16.35 2.54
C GLY A 185 21.87 -17.71 1.85
N ASN A 186 21.84 -17.72 0.52
CA ASN A 186 21.86 -18.95 -0.29
C ASN A 186 22.52 -18.66 -1.63
N ALA A 187 22.65 -19.70 -2.46
CA ALA A 187 23.21 -19.56 -3.80
C ALA A 187 22.34 -20.25 -4.84
N LYS A 188 22.37 -19.67 -6.03
CA LYS A 188 21.66 -20.19 -7.21
CA LYS A 188 21.66 -20.19 -7.21
C LYS A 188 22.69 -20.75 -8.17
N LEU A 189 22.47 -21.98 -8.63
CA LEU A 189 23.35 -22.60 -9.63
C LEU A 189 22.94 -22.19 -11.04
N THR A 190 23.92 -21.83 -11.87
CA THR A 190 23.72 -21.59 -13.29
C THR A 190 24.62 -22.53 -14.05
N PHE A 191 24.02 -23.31 -14.96
CA PHE A 191 24.77 -24.24 -15.79
C PHE A 191 25.20 -23.55 -17.07
N THR A 192 26.50 -23.60 -17.34
CA THR A 192 27.11 -22.86 -18.44
C THR A 192 27.38 -23.73 -19.66
N SER A 193 27.05 -25.02 -19.56
CA SER A 193 27.03 -25.95 -20.70
C SER A 193 25.72 -26.71 -20.67
N ALA A 194 25.55 -27.58 -21.68
CA ALA A 194 24.42 -28.49 -21.77
C ALA A 194 24.31 -29.39 -20.54
N LYS A 195 23.11 -29.50 -20.00
CA LYS A 195 22.83 -30.41 -18.89
C LYS A 195 22.45 -31.78 -19.47
N PRO A 196 23.12 -32.86 -19.02
CA PRO A 196 22.67 -34.18 -19.46
C PRO A 196 21.25 -34.48 -18.99
N ALA A 197 20.52 -35.24 -19.81
CA ALA A 197 19.17 -35.67 -19.45
C ALA A 197 19.18 -36.46 -18.15
N GLY A 198 18.15 -36.24 -17.33
CA GLY A 198 18.01 -36.98 -16.06
C GLY A 198 18.97 -36.56 -14.96
N MET A 199 19.64 -35.41 -15.14
CA MET A 199 20.53 -34.87 -14.10
C MET A 199 19.69 -34.45 -12.90
N LYS A 200 20.16 -34.79 -11.71
CA LYS A 200 19.52 -34.35 -10.46
C LYS A 200 20.53 -33.71 -9.52
N ILE A 201 20.01 -32.89 -8.62
CA ILE A 201 20.78 -32.22 -7.57
C ILE A 201 20.17 -32.58 -6.20
N TYR A 202 21.03 -32.90 -5.23
CA TYR A 202 20.61 -33.21 -3.86
C TYR A 202 21.30 -32.35 -2.83
N ASP A 203 20.58 -31.96 -1.77
CA ASP A 203 21.17 -31.21 -0.63
C ASP A 203 21.98 -32.17 0.26
N ALA A 204 22.54 -31.62 1.34
CA ALA A 204 23.40 -32.38 2.26
C ALA A 204 22.68 -33.49 3.01
N ASP A 205 21.35 -33.38 3.15
CA ASP A 205 20.52 -34.38 3.83
C ASP A 205 20.04 -35.49 2.86
N GLY A 206 20.44 -35.42 1.59
CA GLY A 206 20.02 -36.41 0.58
C GLY A 206 18.68 -36.16 -0.08
N LYS A 207 18.11 -34.98 0.12
CA LYS A 207 16.81 -34.60 -0.42
C LYS A 207 17.02 -33.80 -1.70
N GLU A 208 16.18 -34.08 -2.69
CA GLU A 208 16.34 -33.50 -4.03
C GLU A 208 16.05 -32.00 -4.03
N ILE A 209 16.90 -31.27 -4.75
CA ILE A 209 16.72 -29.83 -5.03
C ILE A 209 16.13 -29.73 -6.44
N THR A 210 15.07 -28.97 -6.59
CA THR A 210 14.43 -28.77 -7.91
C THR A 210 14.32 -27.31 -8.34
N ASN A 211 14.79 -26.39 -7.50
CA ASN A 211 14.74 -24.96 -7.77
C ASN A 211 16.16 -24.35 -7.96
N ASN A 212 17.14 -25.21 -8.23
CA ASN A 212 18.56 -24.85 -8.42
C ASN A 212 19.20 -24.04 -7.29
N THR A 213 18.68 -24.16 -6.07
CA THR A 213 19.14 -23.35 -4.94
C THR A 213 19.83 -24.23 -3.90
N VAL A 214 20.97 -23.78 -3.39
CA VAL A 214 21.77 -24.52 -2.41
C VAL A 214 22.03 -23.64 -1.19
N LYS A 215 22.34 -24.28 -0.07
CA LYS A 215 22.68 -23.57 1.13
C LYS A 215 24.15 -23.22 1.15
N LEU A 216 24.49 -22.17 1.90
CA LEU A 216 25.87 -21.75 2.16
C LEU A 216 26.39 -22.44 3.41
N ASN A 217 27.69 -22.72 3.44
CA ASN A 217 28.32 -23.47 4.54
C ASN A 217 27.65 -24.83 4.72
N SER A 218 27.55 -25.53 3.60
CA SER A 218 26.84 -26.81 3.51
C SER A 218 27.46 -27.62 2.37
N SER A 219 26.71 -28.58 1.85
CA SER A 219 27.13 -29.26 0.63
C SER A 219 25.95 -29.66 -0.22
N PHE A 220 26.23 -29.98 -1.47
CA PHE A 220 25.24 -30.55 -2.36
C PHE A 220 25.92 -31.54 -3.29
N THR A 221 25.10 -32.34 -3.95
CA THR A 221 25.57 -33.39 -4.86
C THR A 221 24.82 -33.28 -6.19
N ILE A 222 25.58 -33.29 -7.29
CA ILE A 222 25.04 -33.40 -8.64
C ILE A 222 25.14 -34.86 -9.05
N LYS A 223 24.07 -35.37 -9.67
CA LYS A 223 24.01 -36.77 -10.10
C LYS A 223 23.71 -36.84 -11.59
N VAL A 224 24.55 -37.59 -12.31
CA VAL A 224 24.49 -37.70 -13.76
C VAL A 224 24.27 -39.19 -14.05
N PRO A 225 23.19 -39.55 -14.77
CA PRO A 225 22.94 -40.98 -15.02
C PRO A 225 24.12 -41.68 -15.70
N VAL A 226 24.45 -42.89 -15.25
CA VAL A 226 25.57 -43.65 -15.84
C VAL A 226 25.32 -44.03 -17.31
N THR A 227 24.09 -43.90 -17.78
CA THR A 227 23.76 -44.03 -19.21
C THR A 227 24.20 -42.84 -20.07
N THR A 228 24.57 -41.72 -19.45
CA THR A 228 24.97 -40.53 -20.17
C THR A 228 26.27 -40.78 -20.93
N PRO A 229 26.32 -40.38 -22.22
CA PRO A 229 27.58 -40.41 -22.98
C PRO A 229 28.74 -39.68 -22.29
N SER A 230 29.94 -40.23 -22.39
CA SER A 230 31.13 -39.66 -21.75
C SER A 230 31.26 -38.18 -22.04
N GLY A 231 31.55 -37.39 -21.03
CA GLY A 231 31.67 -35.95 -21.23
C GLY A 231 31.79 -35.11 -19.97
N THR A 232 31.46 -33.84 -20.11
CA THR A 232 31.61 -32.87 -19.05
C THR A 232 30.41 -31.95 -18.93
N LEU A 233 30.30 -31.37 -17.75
CA LEU A 233 29.29 -30.41 -17.41
C LEU A 233 30.01 -29.29 -16.68
N SER A 234 29.64 -28.03 -16.93
CA SER A 234 30.22 -26.92 -16.18
C SER A 234 29.13 -26.05 -15.57
N PHE A 235 29.43 -25.46 -14.41
CA PHE A 235 28.48 -24.58 -13.72
C PHE A 235 29.18 -23.59 -12.80
N LYS A 236 28.40 -22.63 -12.30
CA LYS A 236 28.81 -21.73 -11.22
C LYS A 236 27.64 -21.53 -10.29
N GLY A 237 27.93 -20.95 -9.13
CA GLY A 237 26.93 -20.52 -8.18
C GLY A 237 26.95 -19.01 -8.09
N THR A 238 25.79 -18.42 -7.79
CA THR A 238 25.69 -16.99 -7.49
C THR A 238 25.07 -16.88 -6.11
N ALA A 239 25.89 -16.49 -5.12
CA ALA A 239 25.39 -16.29 -3.75
C ALA A 239 24.52 -15.05 -3.70
N ASN A 240 23.49 -15.11 -2.88
CA ASN A 240 22.64 -13.98 -2.59
C ASN A 240 22.62 -13.88 -1.07
N VAL A 241 23.29 -12.84 -0.57
CA VAL A 241 23.57 -12.73 0.84
C VAL A 241 23.07 -11.43 1.42
N SER A 242 23.00 -11.42 2.74
CA SER A 242 22.73 -10.25 3.52
C SER A 242 24.09 -9.67 3.89
N THR A 243 24.26 -8.36 3.77
CA THR A 243 25.50 -7.70 4.13
C THR A 243 25.20 -6.33 4.74
N THR A 244 25.96 -5.96 5.78
CA THR A 244 25.81 -4.66 6.46
C THR A 244 27.06 -3.81 6.16
N ASN A 245 26.89 -2.81 5.30
CA ASN A 245 27.98 -1.94 4.79
C ASN A 245 27.68 -0.45 5.07
N PRO A 246 28.72 0.40 5.10
CA PRO A 246 28.48 1.82 5.33
C PRO A 246 28.09 2.55 4.07
N PHE A 247 27.08 3.40 4.17
CA PHE A 247 26.62 4.22 3.04
C PHE A 247 26.48 5.68 3.45
N THR A 248 26.71 6.58 2.50
CA THR A 248 26.60 8.01 2.73
C THR A 248 25.34 8.56 2.09
N PHE A 249 24.77 9.57 2.74
CA PHE A 249 23.55 10.21 2.32
C PHE A 249 23.67 11.72 2.20
N ASP A 250 22.89 12.27 1.27
CA ASP A 250 23.06 13.64 0.79
C ASP A 250 22.23 14.63 1.59
N GLY A 251 22.92 15.48 2.36
CA GLY A 251 22.31 16.60 3.10
C GLY A 251 21.98 17.84 2.29
N ARG A 252 22.29 17.81 0.99
CA ARG A 252 21.84 18.80 -0.02
C ARG A 252 22.44 20.18 0.21
N GLY A 253 23.63 20.22 0.81
CA GLY A 253 24.31 21.49 1.15
C GLY A 253 23.61 22.33 2.22
N VAL A 254 22.61 21.78 2.89
CA VAL A 254 21.84 22.49 3.93
C VAL A 254 22.06 21.77 5.26
N TYR A 255 21.85 20.46 5.26
CA TYR A 255 22.20 19.62 6.40
C TYR A 255 23.47 18.87 6.08
N GLN A 256 24.17 18.39 7.10
CA GLN A 256 25.38 17.61 6.86
C GLN A 256 25.04 16.34 6.09
N ASP A 257 25.98 15.89 5.26
CA ASP A 257 25.98 14.52 4.78
C ASP A 257 26.22 13.60 5.98
N ALA A 258 25.67 12.40 5.90
CA ALA A 258 25.76 11.42 6.98
C ALA A 258 26.09 10.02 6.46
N VAL A 259 26.85 9.29 7.27
CA VAL A 259 27.24 7.91 6.97
C VAL A 259 26.63 7.01 8.04
N VAL A 260 26.21 5.83 7.62
CA VAL A 260 25.47 4.89 8.50
C VAL A 260 25.58 3.47 7.93
N MET A 261 25.64 2.49 8.82
CA MET A 261 25.67 1.09 8.45
C MET A 261 24.25 0.67 8.08
N ILE A 262 24.10 0.11 6.89
CA ILE A 262 22.82 -0.41 6.42
C ILE A 262 22.93 -1.86 5.97
N THR A 263 22.00 -2.67 6.45
CA THR A 263 21.85 -4.06 6.02
C THR A 263 21.17 -4.04 4.66
N THR A 264 21.83 -4.62 3.66
CA THR A 264 21.29 -4.75 2.30
C THR A 264 21.66 -6.13 1.73
N SER A 265 21.37 -6.37 0.46
CA SER A 265 21.73 -7.64 -0.20
C SER A 265 22.94 -7.45 -1.12
N GLU A 266 23.62 -8.56 -1.38
CA GLU A 266 24.71 -8.61 -2.35
C GLU A 266 24.66 -9.94 -3.12
N THR A 267 24.87 -9.88 -4.43
CA THR A 267 25.07 -11.08 -5.26
C THR A 267 26.57 -11.22 -5.62
N LYS A 268 27.06 -12.45 -5.61
CA LYS A 268 28.45 -12.73 -5.90
C LYS A 268 28.67 -14.13 -6.44
N ASP A 269 29.41 -14.24 -7.54
CA ASP A 269 29.69 -15.51 -8.20
C ASP A 269 30.81 -16.31 -7.56
N SER A 270 30.66 -17.63 -7.60
CA SER A 270 31.75 -18.56 -7.35
C SER A 270 32.64 -18.61 -8.58
N LYS A 271 33.71 -19.38 -8.50
CA LYS A 271 34.40 -19.81 -9.70
C LYS A 271 33.59 -20.80 -10.56
N SER A 272 34.06 -21.03 -11.77
CA SER A 272 33.52 -22.03 -12.67
C SER A 272 34.01 -23.43 -12.26
N LEU A 273 33.10 -24.38 -12.19
CA LEU A 273 33.41 -25.77 -11.84
C LEU A 273 33.01 -26.70 -12.95
N SER A 274 33.74 -27.80 -13.11
CA SER A 274 33.41 -28.87 -14.06
C SER A 274 33.28 -30.22 -13.37
N ALA A 275 32.24 -30.97 -13.76
CA ALA A 275 32.10 -32.38 -13.41
C ALA A 275 32.41 -33.16 -14.68
N LYS A 276 33.20 -34.22 -14.56
CA LYS A 276 33.57 -35.05 -15.70
C LYS A 276 33.24 -36.52 -15.38
N TRP A 277 32.76 -37.26 -16.38
CA TRP A 277 32.44 -38.69 -16.23
C TRP A 277 32.73 -39.46 -17.51
N THR A 278 32.92 -40.77 -17.37
CA THR A 278 33.11 -41.66 -18.52
C THR A 278 32.06 -42.77 -18.46
N ARG A 279 31.38 -42.99 -19.59
CA ARG A 279 30.36 -44.02 -19.68
C ARG A 279 31.02 -45.39 -19.65
N ALA A 280 30.47 -46.27 -18.82
CA ALA A 280 30.95 -47.64 -18.73
C ALA A 280 30.61 -48.40 -20.01
N GLY B 1 -25.98 8.51 7.05
CA GLY B 1 -25.39 8.53 5.67
C GLY B 1 -25.56 9.88 5.02
N ALA B 2 -24.51 10.36 4.35
CA ALA B 2 -24.53 11.63 3.63
C ALA B 2 -25.07 11.44 2.22
N MET B 3 -25.49 12.52 1.58
CA MET B 3 -25.92 12.45 0.18
C MET B 3 -25.05 13.25 -0.75
N GLY B 4 -24.52 12.56 -1.75
CA GLY B 4 -23.61 13.17 -2.69
C GLY B 4 -24.33 14.08 -3.65
N ASP B 5 -23.66 15.15 -4.04
N ASP B 5 -23.67 15.16 -4.03
CA ASP B 5 -24.16 16.12 -5.01
CA ASP B 5 -24.16 16.12 -5.02
C ASP B 5 -23.38 15.96 -6.31
C ASP B 5 -23.37 15.96 -6.32
N VAL B 6 -24.02 15.34 -7.30
CA VAL B 6 -23.42 15.11 -8.61
C VAL B 6 -23.59 16.39 -9.43
N THR B 7 -22.49 16.87 -10.02
CA THR B 7 -22.57 18.03 -10.90
C THR B 7 -23.21 17.59 -12.23
N LYS B 8 -24.21 18.32 -12.67
CA LYS B 8 -24.94 17.96 -13.87
C LYS B 8 -24.28 18.55 -15.11
N PRO B 9 -24.19 17.77 -16.20
CA PRO B 9 -23.85 18.40 -17.47
C PRO B 9 -24.97 19.32 -17.92
N THR B 10 -24.66 20.28 -18.78
CA THR B 10 -25.64 21.22 -19.31
C THR B 10 -26.09 20.93 -20.74
N SER B 11 -25.26 20.26 -21.54
CA SER B 11 -25.63 19.85 -22.91
C SER B 11 -24.70 18.78 -23.46
N ALA B 12 -25.08 18.22 -24.60
CA ALA B 12 -24.31 17.21 -25.30
C ALA B 12 -24.52 17.37 -26.81
N LYS B 13 -23.50 16.97 -27.56
CA LYS B 13 -23.48 16.98 -29.01
C LYS B 13 -23.17 15.56 -29.46
N PHE B 14 -23.97 15.05 -30.40
CA PHE B 14 -23.87 13.68 -30.86
C PHE B 14 -23.50 13.62 -32.34
N ILE B 15 -22.84 12.52 -32.69
CA ILE B 15 -22.23 12.34 -34.00
C ILE B 15 -22.53 10.90 -34.40
N GLU B 16 -22.92 10.69 -35.66
CA GLU B 16 -23.14 9.35 -36.23
C GLU B 16 -21.81 8.62 -36.41
N THR B 17 -21.76 7.33 -36.08
CA THR B 17 -20.55 6.52 -36.33
C THR B 17 -20.47 5.95 -37.75
N GLY B 18 -21.61 5.93 -38.46
CA GLY B 18 -21.72 5.27 -39.75
C GLY B 18 -22.32 3.87 -39.66
N VAL B 19 -22.44 3.31 -38.46
CA VAL B 19 -23.15 2.06 -38.27
C VAL B 19 -24.66 2.28 -38.22
N LYS B 20 -25.39 1.50 -39.00
CA LYS B 20 -26.85 1.50 -38.95
C LYS B 20 -27.42 0.17 -39.34
N THR B 21 -28.68 -0.03 -38.95
CA THR B 21 -29.39 -1.25 -39.23
C THR B 21 -30.89 -0.98 -39.37
N ASP B 22 -31.55 -1.81 -40.16
CA ASP B 22 -33.02 -1.81 -40.26
C ASP B 22 -33.67 -2.58 -39.08
N GLY B 23 -32.85 -3.22 -38.23
CA GLY B 23 -33.35 -3.87 -37.03
C GLY B 23 -33.44 -5.37 -37.22
N TYR B 24 -33.29 -6.10 -36.13
CA TYR B 24 -33.37 -7.57 -36.10
C TYR B 24 -34.69 -8.09 -35.53
N ILE B 25 -35.57 -7.16 -35.15
CA ILE B 25 -36.86 -7.42 -34.55
C ILE B 25 -37.85 -6.41 -35.12
N ARG B 26 -39.13 -6.63 -34.85
CA ARG B 26 -40.19 -5.68 -35.13
C ARG B 26 -41.01 -5.56 -33.87
N VAL B 27 -41.95 -4.61 -33.84
CA VAL B 27 -42.81 -4.41 -32.69
C VAL B 27 -44.24 -4.19 -33.12
N ASN B 28 -45.15 -4.97 -32.51
CA ASN B 28 -46.57 -4.69 -32.56
C ASN B 28 -46.87 -3.45 -31.74
N MET B 29 -46.99 -2.33 -32.43
CA MET B 29 -47.33 -1.07 -31.83
C MET B 29 -48.82 -0.92 -31.93
N PRO B 30 -49.41 -0.03 -31.11
CA PRO B 30 -50.90 0.02 -31.06
C PRO B 30 -51.70 0.16 -32.36
N ASN B 31 -51.29 0.98 -33.29
CA ASN B 31 -51.99 1.08 -34.57
C ASN B 31 -51.19 0.47 -35.73
N HIS B 32 -50.18 -0.34 -35.41
CA HIS B 32 -49.15 -0.73 -36.41
C HIS B 32 -48.53 -2.09 -36.06
N PRO B 33 -49.13 -3.18 -36.56
CA PRO B 33 -48.51 -4.48 -36.35
C PRO B 33 -47.16 -4.61 -37.09
N ASN B 34 -46.22 -5.33 -36.49
CA ASN B 34 -44.93 -5.67 -37.12
C ASN B 34 -44.13 -4.42 -37.60
N GLU B 35 -44.24 -3.33 -36.84
CA GLU B 35 -43.55 -2.08 -37.17
C GLU B 35 -42.02 -2.25 -37.00
N TRP B 36 -41.26 -1.79 -37.99
CA TRP B 36 -39.78 -1.89 -37.95
C TRP B 36 -39.23 -0.88 -36.94
N MET B 37 -38.13 -1.28 -36.32
CA MET B 37 -37.41 -0.43 -35.35
C MET B 37 -35.98 -0.26 -35.80
N ILE B 38 -35.80 0.67 -36.75
CA ILE B 38 -34.51 0.95 -37.36
C ILE B 38 -33.72 1.84 -36.40
N SER B 39 -32.40 1.91 -36.60
CA SER B 39 -31.55 2.75 -35.75
C SER B 39 -30.22 3.07 -36.41
N SER B 40 -29.66 4.20 -35.98
CA SER B 40 -28.33 4.66 -36.35
C SER B 40 -27.47 4.76 -35.10
N GLN B 41 -26.27 4.19 -35.15
CA GLN B 41 -25.37 4.26 -34.01
C GLN B 41 -24.75 5.66 -33.92
N PHE B 42 -24.74 6.22 -32.71
CA PHE B 42 -24.14 7.53 -32.46
C PHE B 42 -23.37 7.60 -31.13
N LYS B 43 -22.48 8.59 -31.06
CA LYS B 43 -21.61 8.83 -29.92
C LYS B 43 -21.71 10.31 -29.57
N ASP B 44 -21.44 10.62 -28.30
CA ASP B 44 -21.33 12.03 -27.91
C ASP B 44 -19.94 12.53 -28.33
N SER B 45 -19.66 13.82 -28.15
CA SER B 45 -18.41 14.41 -28.61
C SER B 45 -17.15 13.98 -27.82
N HIS B 46 -17.32 13.31 -26.69
CA HIS B 46 -16.20 12.66 -25.97
C HIS B 46 -15.98 11.19 -26.36
N GLY B 47 -16.67 10.71 -27.39
CA GLY B 47 -16.50 9.34 -27.88
C GLY B 47 -17.25 8.24 -27.13
N ASN B 48 -18.20 8.61 -26.28
CA ASN B 48 -18.99 7.62 -25.53
C ASN B 48 -20.31 7.37 -26.24
N ILE B 49 -20.67 6.10 -26.31
CA ILE B 49 -21.87 5.68 -27.03
C ILE B 49 -23.15 6.25 -26.43
N GLY B 50 -24.01 6.79 -27.29
CA GLY B 50 -25.35 7.29 -26.88
C GLY B 50 -26.41 6.26 -27.27
N TYR B 51 -27.51 6.20 -26.51
CA TYR B 51 -28.67 5.36 -26.88
C TYR B 51 -29.92 6.20 -26.94
N CYS B 52 -30.79 5.82 -27.88
CA CYS B 52 -32.04 6.49 -28.15
C CYS B 52 -33.12 6.13 -27.12
N MET B 53 -33.86 7.14 -26.67
CA MET B 53 -34.99 6.98 -25.71
C MET B 53 -36.34 6.93 -26.40
N ASP B 54 -36.39 7.36 -27.67
CA ASP B 54 -37.64 7.51 -28.41
C ASP B 54 -37.60 6.77 -29.75
N SER B 55 -38.30 5.66 -29.88
CA SER B 55 -38.25 4.83 -31.10
C SER B 55 -38.83 5.47 -32.36
N GLU B 56 -39.66 6.52 -32.22
CA GLU B 56 -40.33 7.12 -33.37
C GLU B 56 -39.74 8.43 -33.87
N LEU B 57 -38.61 8.85 -33.31
CA LEU B 57 -37.98 10.13 -33.66
C LEU B 57 -36.58 9.85 -34.23
N PRO B 58 -36.08 10.73 -35.13
CA PRO B 58 -34.76 10.52 -35.72
C PRO B 58 -33.58 10.72 -34.75
N SER B 59 -32.42 10.13 -35.09
CA SER B 59 -31.18 10.31 -34.32
C SER B 59 -30.80 11.76 -34.10
N PRO B 60 -30.24 12.09 -32.92
CA PRO B 60 -30.03 13.51 -32.57
C PRO B 60 -28.66 14.01 -33.07
N THR B 61 -28.48 13.97 -34.38
CA THR B 61 -27.19 14.25 -35.06
C THR B 61 -27.40 15.15 -36.28
N GLY B 62 -26.29 15.73 -36.74
CA GLY B 62 -26.31 16.68 -37.87
C GLY B 62 -26.52 18.12 -37.44
N SER B 63 -26.57 19.02 -38.42
CA SER B 63 -26.60 20.48 -38.15
C SER B 63 -27.92 20.95 -37.52
N GLY B 64 -29.03 20.31 -37.92
CA GLY B 64 -30.34 20.61 -37.36
C GLY B 64 -30.37 20.36 -35.87
N ALA B 65 -30.00 19.14 -35.46
CA ALA B 65 -29.89 18.77 -34.03
C ALA B 65 -29.11 19.77 -33.17
N GLY B 66 -27.87 20.05 -33.59
CA GLY B 66 -26.94 20.86 -32.81
C GLY B 66 -26.73 20.20 -31.46
N SER B 67 -26.58 21.01 -30.42
CA SER B 67 -26.56 20.53 -29.04
C SER B 67 -27.98 20.26 -28.53
N LEU B 68 -28.10 19.18 -27.76
CA LEU B 68 -29.29 18.88 -26.96
C LEU B 68 -29.01 19.34 -25.52
N LYS B 69 -29.92 20.12 -24.93
CA LYS B 69 -29.77 20.56 -23.53
C LYS B 69 -30.02 19.39 -22.58
N TYR B 70 -29.43 19.49 -21.39
CA TYR B 70 -29.63 18.53 -20.29
C TYR B 70 -31.10 18.38 -19.95
N LYS B 71 -31.54 17.14 -19.76
CA LYS B 71 -32.91 16.84 -19.39
C LYS B 71 -32.99 16.28 -17.97
N GLY B 72 -32.21 15.22 -17.68
CA GLY B 72 -32.23 14.60 -16.37
C GLY B 72 -31.20 13.52 -16.13
N ALA B 73 -31.19 13.00 -14.91
CA ALA B 73 -30.24 12.00 -14.48
C ALA B 73 -30.81 10.64 -14.77
N GLY B 74 -30.04 9.79 -15.45
CA GLY B 74 -30.50 8.44 -15.77
C GLY B 74 -30.66 7.56 -14.53
N SER B 75 -31.66 6.68 -14.54
CA SER B 75 -31.88 5.78 -13.42
C SER B 75 -30.80 4.71 -13.28
N ASP B 76 -30.82 3.99 -12.17
CA ASP B 76 -29.92 2.86 -11.96
C ASP B 76 -30.08 1.79 -13.05
N GLU B 77 -31.30 1.65 -13.58
CA GLU B 77 -31.55 0.70 -14.67
C GLU B 77 -30.73 1.09 -15.91
N PHE B 78 -30.75 2.36 -16.27
CA PHE B 78 -29.96 2.86 -17.40
C PHE B 78 -28.44 2.78 -17.12
N TYR B 79 -28.01 3.05 -15.89
CA TYR B 79 -26.62 2.83 -15.51
C TYR B 79 -26.20 1.41 -15.82
N ARG B 80 -26.97 0.45 -15.35
CA ARG B 80 -26.67 -0.95 -15.56
C ARG B 80 -26.73 -1.39 -17.02
N MET B 81 -27.63 -0.78 -17.80
CA MET B 81 -27.68 -1.06 -19.23
C MET B 81 -26.33 -0.77 -19.88
N PHE B 82 -25.76 0.38 -19.57
CA PHE B 82 -24.41 0.73 -20.05
C PHE B 82 -23.35 -0.23 -19.53
N LYS B 83 -23.30 -0.46 -18.23
CA LYS B 83 -22.28 -1.34 -17.60
CA LYS B 83 -22.28 -1.34 -17.60
C LYS B 83 -22.35 -2.79 -18.07
N GLY B 84 -23.55 -3.29 -18.29
CA GLY B 84 -23.79 -4.68 -18.72
C GLY B 84 -24.07 -4.88 -20.20
N GLY B 85 -24.04 -3.80 -20.97
CA GLY B 85 -24.32 -3.82 -22.41
C GLY B 85 -23.13 -3.37 -23.23
N PHE B 86 -23.37 -3.12 -24.52
CA PHE B 86 -22.29 -2.81 -25.47
C PHE B 86 -21.99 -1.32 -25.38
N PRO B 87 -20.72 -0.88 -25.47
CA PRO B 87 -19.52 -1.74 -25.65
C PRO B 87 -18.76 -2.09 -24.36
N SER B 88 -19.34 -1.83 -23.20
CA SER B 88 -18.73 -2.20 -21.93
C SER B 88 -18.51 -3.71 -21.87
N LYS B 89 -19.49 -4.46 -22.34
CA LYS B 89 -19.33 -5.89 -22.60
C LYS B 89 -19.15 -6.12 -24.10
N THR B 90 -18.33 -7.12 -24.43
CA THR B 90 -18.08 -7.45 -25.84
C THR B 90 -19.23 -8.26 -26.40
N ALA B 91 -19.25 -8.38 -27.73
CA ALA B 91 -20.24 -9.22 -28.41
C ALA B 91 -20.21 -10.68 -27.90
N LYS B 92 -19.02 -11.26 -27.81
CA LYS B 92 -18.85 -12.62 -27.31
C LYS B 92 -19.45 -12.83 -25.91
N GLU B 93 -19.14 -11.93 -24.99
CA GLU B 93 -19.67 -11.94 -23.63
C GLU B 93 -21.20 -11.83 -23.57
N LEU B 94 -21.77 -11.04 -24.46
CA LEU B 94 -23.24 -10.89 -24.54
C LEU B 94 -24.01 -11.98 -25.31
N GLY B 95 -23.30 -12.82 -26.07
CA GLY B 95 -23.94 -13.85 -26.89
C GLY B 95 -24.30 -13.35 -28.29
N ALA B 96 -23.99 -12.10 -28.58
CA ALA B 96 -24.18 -11.54 -29.91
C ALA B 96 -23.06 -12.04 -30.82
N GLY B 97 -23.35 -12.18 -32.10
CA GLY B 97 -22.38 -12.66 -33.09
C GLY B 97 -21.43 -11.62 -33.63
N ASN B 98 -21.77 -10.34 -33.48
CA ASN B 98 -20.92 -9.22 -33.92
C ASN B 98 -21.32 -7.94 -33.17
N ASP B 99 -20.55 -6.88 -33.35
CA ASP B 99 -20.77 -5.61 -32.66
C ASP B 99 -22.07 -4.86 -33.02
N THR B 100 -22.58 -5.07 -34.23
CA THR B 100 -23.85 -4.45 -34.65
C THR B 100 -25.01 -5.08 -33.90
N GLU B 101 -24.99 -6.41 -33.81
CA GLU B 101 -25.99 -7.14 -33.01
C GLU B 101 -25.93 -6.77 -31.53
N ALA B 102 -24.71 -6.67 -30.99
CA ALA B 102 -24.53 -6.31 -29.57
C ALA B 102 -25.04 -4.89 -29.30
N TRP B 103 -24.65 -3.95 -30.14
CA TRP B 103 -25.15 -2.59 -30.04
C TRP B 103 -26.69 -2.52 -30.15
N TYR B 104 -27.27 -3.19 -31.13
CA TYR B 104 -28.73 -3.13 -31.32
C TYR B 104 -29.49 -3.75 -30.14
N ALA B 105 -28.99 -4.88 -29.64
CA ALA B 105 -29.51 -5.51 -28.43
C ALA B 105 -29.56 -4.52 -27.27
N THR B 106 -28.51 -3.71 -27.13
CA THR B 106 -28.46 -2.72 -26.09
C THR B 106 -29.47 -1.60 -26.35
N GLN B 107 -29.58 -1.15 -27.60
CA GLN B 107 -30.58 -0.14 -27.97
C GLN B 107 -32.01 -0.65 -27.72
N LEU B 108 -32.22 -1.94 -27.92
CA LEU B 108 -33.52 -2.55 -27.67
C LEU B 108 -33.88 -2.42 -26.17
N VAL B 109 -32.93 -2.74 -25.30
CA VAL B 109 -33.05 -2.49 -23.85
C VAL B 109 -33.37 -1.02 -23.56
N SER B 110 -32.63 -0.11 -24.14
CA SER B 110 -32.90 1.32 -23.97
C SER B 110 -34.36 1.70 -24.31
N TRP B 111 -34.86 1.21 -25.45
CA TRP B 111 -36.22 1.51 -25.88
C TRP B 111 -37.27 1.00 -24.89
N VAL B 112 -37.06 -0.22 -24.40
CA VAL B 112 -37.96 -0.84 -23.42
C VAL B 112 -37.90 -0.09 -22.08
N LEU B 113 -36.69 0.17 -21.58
CA LEU B 113 -36.53 0.92 -20.32
C LEU B 113 -37.16 2.30 -20.38
N ALA B 114 -37.09 2.96 -21.53
CA ALA B 114 -37.68 4.28 -21.73
C ALA B 114 -39.21 4.24 -21.92
N GLY B 115 -39.79 3.05 -22.00
CA GLY B 115 -41.22 2.89 -22.05
C GLY B 115 -41.85 2.96 -23.44
N ASN B 116 -41.05 2.77 -24.47
CA ASN B 116 -41.55 2.88 -25.86
C ASN B 116 -42.51 1.75 -26.24
N PHE B 117 -42.20 0.57 -25.72
CA PHE B 117 -43.04 -0.62 -25.83
C PHE B 117 -42.62 -1.64 -24.77
N LYS B 118 -43.54 -2.56 -24.50
CA LYS B 118 -43.31 -3.67 -23.59
C LYS B 118 -42.62 -4.82 -24.34
N VAL B 119 -42.01 -5.73 -23.57
CA VAL B 119 -41.38 -6.93 -24.10
C VAL B 119 -42.39 -7.83 -24.84
N SER B 120 -43.61 -7.91 -24.34
CA SER B 120 -44.66 -8.70 -24.99
C SER B 120 -45.06 -8.18 -26.40
N GLN B 121 -44.77 -6.91 -26.69
CA GLN B 121 -44.98 -6.37 -28.03
C GLN B 121 -43.85 -6.72 -29.05
N ILE B 122 -42.70 -7.19 -28.57
CA ILE B 122 -41.58 -7.46 -29.48
C ILE B 122 -41.86 -8.70 -30.33
N VAL B 123 -41.76 -8.53 -31.66
CA VAL B 123 -41.80 -9.63 -32.62
C VAL B 123 -40.37 -10.06 -32.96
N TRP B 124 -40.00 -11.29 -32.61
CA TRP B 124 -38.63 -11.78 -32.67
C TRP B 124 -38.32 -12.35 -34.04
N SER B 125 -38.44 -11.50 -35.06
CA SER B 125 -38.15 -11.86 -36.44
C SER B 125 -38.17 -10.60 -37.28
N HIS B 126 -37.41 -10.63 -38.38
CA HIS B 126 -37.34 -9.53 -39.32
C HIS B 126 -37.06 -10.11 -40.73
N PRO B 127 -37.78 -9.61 -41.77
CA PRO B 127 -37.63 -10.21 -43.14
C PRO B 127 -36.22 -10.15 -43.79
N ASN B 128 -35.33 -9.28 -43.29
CA ASN B 128 -33.98 -9.06 -43.83
C ASN B 128 -32.87 -9.72 -43.00
N HIS B 129 -33.22 -10.46 -41.95
CA HIS B 129 -32.23 -11.13 -41.12
C HIS B 129 -32.69 -12.53 -40.77
N THR B 130 -31.73 -13.44 -40.60
CA THR B 130 -32.04 -14.85 -40.36
C THR B 130 -32.54 -15.03 -38.92
N ALA B 131 -33.17 -16.16 -38.66
CA ALA B 131 -33.62 -16.51 -37.32
C ALA B 131 -32.44 -16.61 -36.34
N ALA B 132 -31.28 -17.09 -36.80
CA ALA B 132 -30.09 -17.22 -35.96
C ALA B 132 -29.53 -15.85 -35.54
N GLU B 133 -29.52 -14.89 -36.48
CA GLU B 133 -29.14 -13.50 -36.18
C GLU B 133 -30.05 -12.89 -35.10
N THR B 134 -31.36 -12.98 -35.33
CA THR B 134 -32.34 -12.44 -34.40
C THR B 134 -32.23 -13.12 -33.03
N ALA B 135 -32.01 -14.44 -33.00
CA ALA B 135 -31.88 -15.20 -31.76
C ALA B 135 -30.64 -14.81 -30.92
N ARG B 136 -29.52 -14.52 -31.58
CA ARG B 136 -28.35 -13.95 -30.89
C ARG B 136 -28.70 -12.59 -30.27
N VAL B 137 -29.40 -11.75 -31.03
CA VAL B 137 -29.88 -10.48 -30.51
C VAL B 137 -30.84 -10.66 -29.31
N LYS B 138 -31.76 -11.62 -29.42
CA LYS B 138 -32.68 -11.94 -28.33
C LYS B 138 -31.93 -12.38 -27.05
N LYS B 139 -30.96 -13.28 -27.22
CA LYS B 139 -30.12 -13.76 -26.12
C LYS B 139 -29.36 -12.59 -25.46
N ALA B 140 -28.73 -11.74 -26.27
CA ALA B 140 -28.04 -10.54 -25.76
C ALA B 140 -28.99 -9.58 -25.04
N PHE B 141 -30.14 -9.29 -25.66
CA PHE B 141 -31.20 -8.48 -25.04
C PHE B 141 -31.59 -8.96 -23.64
N GLU B 142 -31.93 -10.24 -23.55
CA GLU B 142 -32.38 -10.83 -22.28
C GLU B 142 -31.32 -10.78 -21.19
N LYS B 143 -30.06 -11.00 -21.57
CA LYS B 143 -28.96 -10.84 -20.62
C LYS B 143 -28.91 -9.41 -20.11
N ILE B 144 -28.85 -8.45 -21.03
CA ILE B 144 -28.68 -7.04 -20.66
C ILE B 144 -29.90 -6.54 -19.87
N TYR B 145 -31.10 -6.87 -20.35
CA TYR B 145 -32.35 -6.44 -19.72
C TYR B 145 -32.46 -6.98 -18.29
N ASP B 146 -32.23 -8.29 -18.13
CA ASP B 146 -32.25 -8.90 -16.81
C ASP B 146 -31.31 -8.18 -15.83
N TYR B 147 -30.10 -7.86 -16.28
CA TYR B 147 -29.16 -7.14 -15.46
C TYR B 147 -29.65 -5.70 -15.15
N ALA B 148 -30.15 -4.99 -16.15
CA ALA B 148 -30.67 -3.64 -15.97
C ALA B 148 -31.84 -3.57 -14.97
N LYS B 149 -32.81 -4.49 -15.10
CA LYS B 149 -33.96 -4.56 -14.21
C LYS B 149 -33.58 -5.09 -12.82
N ASN B 150 -32.83 -6.19 -12.79
CA ASN B 150 -32.68 -6.99 -11.55
C ASN B 150 -31.30 -6.94 -10.90
N GLY B 151 -30.30 -6.37 -11.57
CA GLY B 151 -28.93 -6.25 -11.01
C GLY B 151 -28.91 -5.25 -9.86
N LYS B 152 -27.85 -5.29 -9.06
CA LYS B 152 -27.76 -4.46 -7.84
C LYS B 152 -26.85 -3.25 -7.94
N ASP B 153 -25.95 -3.21 -8.92
CA ASP B 153 -24.91 -2.15 -9.02
C ASP B 153 -25.52 -0.81 -9.41
N THR B 154 -24.95 0.25 -8.84
CA THR B 154 -25.40 1.63 -9.02
C THR B 154 -24.18 2.51 -9.21
N PRO B 155 -24.37 3.78 -9.63
CA PRO B 155 -23.25 4.73 -9.70
C PRO B 155 -22.86 5.39 -8.37
N ASN B 156 -23.34 4.84 -7.24
CA ASN B 156 -23.08 5.39 -5.93
C ASN B 156 -21.58 5.56 -5.64
N THR B 157 -21.25 6.72 -5.07
CA THR B 157 -19.92 7.01 -4.56
C THR B 157 -19.89 6.60 -3.10
N GLU B 158 -19.01 5.65 -2.77
CA GLU B 158 -18.72 5.29 -1.39
C GLU B 158 -17.59 6.22 -0.92
N PHE B 159 -17.74 6.77 0.28
CA PHE B 159 -16.70 7.56 0.91
C PHE B 159 -16.78 7.43 2.41
N SER B 160 -15.63 7.12 3.02
CA SER B 160 -15.54 7.02 4.46
C SER B 160 -14.17 7.47 4.99
N ILE B 161 -14.19 8.04 6.19
CA ILE B 161 -13.02 8.30 6.99
C ILE B 161 -13.25 7.55 8.30
N THR B 162 -12.32 6.67 8.64
CA THR B 162 -12.47 5.78 9.80
C THR B 162 -11.20 5.82 10.66
N ALA B 163 -11.38 6.06 11.96
CA ALA B 163 -10.27 6.07 12.92
C ALA B 163 -9.72 4.65 12.99
N SER B 164 -8.40 4.54 12.89
CA SER B 164 -7.71 3.23 12.92
C SER B 164 -6.94 3.03 14.22
N LYS B 165 -6.25 4.06 14.69
CA LYS B 165 -5.49 3.99 15.93
C LYS B 165 -5.21 5.37 16.51
N THR B 166 -4.92 5.36 17.81
CA THR B 166 -4.52 6.56 18.55
C THR B 166 -3.30 6.20 19.36
N ALA B 167 -2.39 7.15 19.53
CA ALA B 167 -1.21 6.94 20.37
C ALA B 167 -0.57 8.26 20.75
N ASP B 168 0.06 8.26 21.93
CA ASP B 168 0.93 9.35 22.33
C ASP B 168 2.32 9.04 21.76
N GLU B 169 2.90 10.03 21.10
CA GLU B 169 4.19 9.91 20.41
C GLU B 169 4.92 11.24 20.56
N GLY B 170 6.08 11.23 21.19
CA GLY B 170 6.83 12.44 21.50
C GLY B 170 5.98 13.46 22.24
N LYS B 171 5.88 14.67 21.70
CA LYS B 171 5.13 15.75 22.30
C LYS B 171 3.67 15.88 21.76
N TYR B 172 3.14 14.80 21.15
CA TYR B 172 1.80 14.84 20.56
C TYR B 172 0.92 13.68 20.97
N HIS B 173 -0.37 13.98 21.17
CA HIS B 173 -1.43 12.98 21.05
C HIS B 173 -1.64 12.82 19.54
N THR B 174 -1.62 11.59 19.04
CA THR B 174 -1.80 11.31 17.61
C THR B 174 -3.08 10.52 17.33
N PHE B 175 -3.74 10.85 16.23
CA PHE B 175 -4.99 10.19 15.82
C PHE B 175 -4.87 9.86 14.33
N THR B 176 -4.77 8.59 14.01
CA THR B 176 -4.69 8.14 12.61
C THR B 176 -6.07 7.71 12.10
N TYR B 177 -6.35 8.07 10.85
CA TYR B 177 -7.63 7.75 10.18
C TYR B 177 -7.35 7.12 8.81
N LYS B 178 -8.16 6.16 8.39
CA LYS B 178 -8.12 5.62 7.02
C LYS B 178 -9.22 6.24 6.16
N THR B 179 -8.86 6.68 4.95
CA THR B 179 -9.82 7.11 3.94
C THR B 179 -10.11 5.95 3.00
N ALA B 180 -11.33 5.90 2.48
CA ALA B 180 -11.71 4.90 1.50
C ALA B 180 -12.75 5.46 0.52
N SER B 181 -12.60 5.08 -0.74
CA SER B 181 -13.58 5.43 -1.78
C SER B 181 -13.48 4.47 -2.97
N ASN B 182 -14.61 4.27 -3.63
CA ASN B 182 -14.62 3.56 -4.91
C ASN B 182 -14.45 4.49 -6.12
N LYS B 183 -14.19 5.79 -5.89
CA LYS B 183 -13.92 6.75 -6.98
C LYS B 183 -12.58 7.44 -6.71
N THR B 184 -11.95 7.95 -7.78
CA THR B 184 -10.67 8.66 -7.64
C THR B 184 -10.92 10.16 -7.42
N GLY B 185 -10.03 10.78 -6.64
CA GLY B 185 -10.12 12.18 -6.29
C GLY B 185 -9.39 12.43 -4.98
N ASN B 186 -9.94 13.35 -4.18
CA ASN B 186 -9.38 13.66 -2.85
C ASN B 186 -10.50 14.12 -1.93
N ALA B 187 -10.13 14.39 -0.67
CA ALA B 187 -11.09 14.93 0.28
C ALA B 187 -10.50 16.14 1.00
N LYS B 188 -11.40 17.05 1.37
CA LYS B 188 -11.08 18.25 2.13
C LYS B 188 -11.63 18.09 3.53
N LEU B 189 -10.80 18.33 4.54
CA LEU B 189 -11.23 18.30 5.93
C LEU B 189 -11.83 19.63 6.36
N THR B 190 -12.96 19.57 7.04
CA THR B 190 -13.60 20.74 7.67
C THR B 190 -13.70 20.46 9.15
N PHE B 191 -13.13 21.37 9.95
CA PHE B 191 -13.18 21.27 11.40
C PHE B 191 -14.41 21.98 11.92
N THR B 192 -15.22 21.25 12.68
CA THR B 192 -16.53 21.73 13.13
C THR B 192 -16.51 22.20 14.58
N SER B 193 -15.34 22.12 15.23
CA SER B 193 -15.09 22.73 16.52
C SER B 193 -13.78 23.49 16.48
N ALA B 194 -13.45 24.13 17.59
CA ALA B 194 -12.16 24.81 17.78
C ALA B 194 -10.98 23.87 17.58
N LYS B 195 -10.00 24.33 16.80
CA LYS B 195 -8.76 23.59 16.61
C LYS B 195 -7.77 23.97 17.71
N PRO B 196 -7.22 22.96 18.42
CA PRO B 196 -6.22 23.30 19.44
C PRO B 196 -4.98 23.95 18.82
N ALA B 197 -4.34 24.85 19.56
CA ALA B 197 -3.10 25.48 19.12
C ALA B 197 -2.03 24.43 18.84
N GLY B 198 -1.24 24.64 17.80
CA GLY B 198 -0.16 23.76 17.40
C GLY B 198 -0.61 22.42 16.79
N MET B 199 -1.89 22.31 16.42
CA MET B 199 -2.39 21.09 15.78
C MET B 199 -1.76 20.96 14.40
N LYS B 200 -1.30 19.75 14.06
CA LYS B 200 -0.78 19.47 12.73
C LYS B 200 -1.43 18.23 12.15
N ILE B 201 -1.41 18.15 10.82
CA ILE B 201 -1.91 17.00 10.07
C ILE B 201 -0.79 16.45 9.19
N TYR B 202 -0.66 15.12 9.17
CA TYR B 202 0.36 14.45 8.36
C TYR B 202 -0.26 13.39 7.43
N ASP B 203 0.29 13.28 6.21
CA ASP B 203 -0.13 12.21 5.26
C ASP B 203 0.46 10.86 5.69
N ALA B 204 0.18 9.82 4.91
CA ALA B 204 0.63 8.46 5.20
C ALA B 204 2.14 8.26 5.17
N ASP B 205 2.86 9.14 4.46
CA ASP B 205 4.33 9.10 4.39
C ASP B 205 5.00 9.90 5.51
N GLY B 206 4.21 10.49 6.41
CA GLY B 206 4.75 11.30 7.52
C GLY B 206 5.07 12.75 7.17
N LYS B 207 4.63 13.21 6.02
CA LYS B 207 4.86 14.58 5.55
C LYS B 207 3.65 15.45 5.90
N GLU B 208 3.92 16.67 6.32
CA GLU B 208 2.87 17.56 6.82
C GLU B 208 1.93 18.02 5.71
N ILE B 209 0.64 18.02 6.00
CA ILE B 209 -0.40 18.59 5.15
C ILE B 209 -0.72 19.98 5.69
N THR B 210 -0.74 20.98 4.82
CA THR B 210 -1.07 22.37 5.18
C THR B 210 -2.24 22.98 4.41
N ASN B 211 -2.84 22.22 3.49
CA ASN B 211 -3.99 22.69 2.72
C ASN B 211 -5.28 21.91 3.06
N ASN B 212 -5.27 21.22 4.21
CA ASN B 212 -6.38 20.38 4.71
C ASN B 212 -6.91 19.32 3.72
N THR B 213 -6.04 18.86 2.81
CA THR B 213 -6.47 17.92 1.76
C THR B 213 -5.79 16.57 2.00
N VAL B 214 -6.59 15.49 1.87
CA VAL B 214 -6.11 14.12 2.08
C VAL B 214 -6.41 13.28 0.86
N LYS B 215 -5.67 12.19 0.75
CA LYS B 215 -5.85 11.25 -0.34
C LYS B 215 -6.92 10.24 0.06
N LEU B 216 -7.58 9.67 -0.95
CA LEU B 216 -8.56 8.58 -0.78
C LEU B 216 -7.85 7.24 -0.86
N ASN B 217 -8.34 6.25 -0.13
CA ASN B 217 -7.70 4.93 -0.01
C ASN B 217 -6.26 5.06 0.49
N SER B 218 -6.14 5.80 1.60
CA SER B 218 -4.86 6.14 2.19
C SER B 218 -5.07 6.33 3.69
N SER B 219 -4.17 7.06 4.35
CA SER B 219 -4.41 7.47 5.72
C SER B 219 -3.82 8.82 6.00
N PHE B 220 -4.25 9.42 7.09
CA PHE B 220 -3.62 10.61 7.62
C PHE B 220 -3.65 10.58 9.13
N THR B 221 -2.86 11.46 9.73
CA THR B 221 -2.73 11.54 11.18
C THR B 221 -2.90 12.98 11.62
N ILE B 222 -3.75 13.19 12.61
CA ILE B 222 -3.90 14.48 13.29
C ILE B 222 -3.06 14.42 14.57
N LYS B 223 -2.31 15.48 14.83
CA LYS B 223 -1.44 15.54 16.02
C LYS B 223 -1.78 16.76 16.86
N VAL B 224 -2.05 16.50 18.15
CA VAL B 224 -2.49 17.52 19.09
C VAL B 224 -1.42 17.58 20.18
N PRO B 225 -0.81 18.76 20.41
CA PRO B 225 0.25 18.82 21.44
C PRO B 225 -0.22 18.32 22.81
N VAL B 226 0.63 17.54 23.50
CA VAL B 226 0.27 17.01 24.83
C VAL B 226 0.10 18.12 25.88
N THR B 227 0.55 19.34 25.58
CA THR B 227 0.26 20.51 26.41
C THR B 227 -1.17 21.03 26.31
N THR B 228 -1.92 20.57 25.33
CA THR B 228 -3.29 21.02 25.11
C THR B 228 -4.19 20.60 26.27
N PRO B 229 -5.02 21.53 26.80
CA PRO B 229 -6.03 21.18 27.80
C PRO B 229 -6.95 20.04 27.37
N SER B 230 -7.32 19.18 28.32
CA SER B 230 -8.15 18.01 28.02
C SER B 230 -9.40 18.41 27.24
N GLY B 231 -9.72 17.64 26.22
CA GLY B 231 -10.89 17.96 25.42
C GLY B 231 -11.04 17.16 24.14
N THR B 232 -11.81 17.74 23.23
CA THR B 232 -12.18 17.08 22.00
C THR B 232 -12.07 18.03 20.80
N LEU B 233 -11.93 17.40 19.65
CA LEU B 233 -11.90 18.04 18.37
C LEU B 233 -12.84 17.24 17.48
N SER B 234 -13.65 17.91 16.67
CA SER B 234 -14.52 17.21 15.74
C SER B 234 -14.29 17.71 14.32
N PHE B 235 -14.43 16.80 13.36
CA PHE B 235 -14.26 17.14 11.95
C PHE B 235 -15.00 16.20 11.03
N LYS B 236 -15.06 16.58 9.75
CA LYS B 236 -15.52 15.70 8.67
C LYS B 236 -14.65 15.92 7.45
N GLY B 237 -14.78 15.02 6.48
CA GLY B 237 -14.15 15.16 5.18
C GLY B 237 -15.22 15.34 4.14
N THR B 238 -14.92 16.06 3.07
CA THR B 238 -15.78 16.17 1.90
C THR B 238 -15.00 15.67 0.70
N ALA B 239 -15.33 14.48 0.20
CA ALA B 239 -14.68 13.94 -0.97
C ALA B 239 -15.09 14.74 -2.21
N ASN B 240 -14.14 14.87 -3.12
CA ASN B 240 -14.39 15.48 -4.41
C ASN B 240 -13.84 14.48 -5.41
N VAL B 241 -14.76 13.83 -6.13
CA VAL B 241 -14.41 12.70 -6.95
C VAL B 241 -14.86 12.88 -8.39
N SER B 242 -14.27 12.04 -9.23
CA SER B 242 -14.69 11.90 -10.61
C SER B 242 -15.69 10.76 -10.62
N THR B 243 -16.80 10.93 -11.34
CA THR B 243 -17.82 9.87 -11.46
C THR B 243 -18.40 9.87 -12.87
N THR B 244 -18.62 8.68 -13.42
CA THR B 244 -19.21 8.51 -14.76
C THR B 244 -20.62 7.90 -14.60
N ASN B 245 -21.64 8.73 -14.82
CA ASN B 245 -23.07 8.42 -14.59
C ASN B 245 -23.89 8.67 -15.87
N PRO B 246 -25.05 8.00 -16.02
CA PRO B 246 -25.87 8.21 -17.21
C PRO B 246 -26.73 9.45 -17.09
N PHE B 247 -26.78 10.25 -18.16
CA PHE B 247 -27.63 11.43 -18.22
C PHE B 247 -28.47 11.44 -19.50
N THR B 248 -29.65 12.04 -19.43
CA THR B 248 -30.53 12.16 -20.57
C THR B 248 -30.55 13.58 -21.08
N PHE B 249 -30.72 13.70 -22.40
CA PHE B 249 -30.73 14.98 -23.10
C PHE B 249 -31.96 15.18 -23.99
N ASP B 250 -32.35 16.44 -24.13
CA ASP B 250 -33.65 16.80 -24.67
C ASP B 250 -33.59 17.00 -26.19
N GLY B 251 -34.23 16.11 -26.93
CA GLY B 251 -34.40 16.23 -28.38
C GLY B 251 -35.49 17.19 -28.87
N ARG B 252 -36.20 17.82 -27.94
CA ARG B 252 -37.12 18.93 -28.18
C ARG B 252 -38.34 18.54 -29.00
N GLY B 253 -38.75 17.26 -28.90
CA GLY B 253 -39.87 16.73 -29.67
C GLY B 253 -39.64 16.64 -31.17
N VAL B 254 -38.41 16.86 -31.63
CA VAL B 254 -38.06 16.82 -33.07
C VAL B 254 -37.09 15.67 -33.29
N TYR B 255 -36.04 15.64 -32.48
CA TYR B 255 -35.12 14.51 -32.46
C TYR B 255 -35.39 13.69 -31.21
N GLN B 256 -34.96 12.43 -31.22
CA GLN B 256 -35.15 11.61 -30.03
C GLN B 256 -34.38 12.19 -28.85
N ASP B 257 -34.91 11.99 -27.65
CA ASP B 257 -34.12 12.12 -26.45
C ASP B 257 -33.05 11.03 -26.44
N ALA B 258 -31.91 11.34 -25.82
CA ALA B 258 -30.78 10.41 -25.79
C ALA B 258 -30.14 10.33 -24.41
N VAL B 259 -29.65 9.14 -24.08
CA VAL B 259 -28.99 8.85 -22.82
C VAL B 259 -27.55 8.46 -23.12
N VAL B 260 -26.64 8.89 -22.27
CA VAL B 260 -25.19 8.71 -22.48
C VAL B 260 -24.46 8.82 -21.15
N MET B 261 -23.39 8.05 -21.00
CA MET B 261 -22.53 8.09 -19.82
C MET B 261 -21.64 9.30 -19.94
N ILE B 262 -21.67 10.15 -18.92
CA ILE B 262 -20.79 11.33 -18.84
C ILE B 262 -19.98 11.33 -17.56
N THR B 263 -18.68 11.59 -17.72
CA THR B 263 -17.76 11.78 -16.61
C THR B 263 -18.00 13.19 -16.08
N THR B 264 -18.33 13.28 -14.79
CA THR B 264 -18.54 14.57 -14.11
C THR B 264 -17.90 14.50 -12.70
N SER B 265 -18.12 15.53 -11.89
CA SER B 265 -17.63 15.52 -10.49
C SER B 265 -18.79 15.30 -9.52
N GLU B 266 -18.44 14.78 -8.34
CA GLU B 266 -19.37 14.66 -7.22
C GLU B 266 -18.69 15.02 -5.91
N THR B 267 -19.41 15.76 -5.06
CA THR B 267 -18.97 15.98 -3.67
C THR B 267 -19.81 15.13 -2.71
N LYS B 268 -19.16 14.60 -1.68
CA LYS B 268 -19.85 13.78 -0.69
C LYS B 268 -19.13 13.81 0.65
N ASP B 269 -19.90 14.01 1.72
CA ASP B 269 -19.37 14.07 3.09
C ASP B 269 -19.15 12.69 3.70
N SER B 270 -18.11 12.59 4.53
CA SER B 270 -17.93 11.49 5.46
C SER B 270 -18.87 11.69 6.63
N LYS B 271 -18.86 10.75 7.56
CA LYS B 271 -19.44 10.98 8.87
C LYS B 271 -18.61 11.99 9.69
N SER B 272 -19.21 12.47 10.79
CA SER B 272 -18.54 13.30 11.76
C SER B 272 -17.66 12.44 12.65
N LEU B 273 -16.41 12.87 12.86
CA LEU B 273 -15.44 12.16 13.69
C LEU B 273 -15.02 13.06 14.84
N SER B 274 -14.72 12.44 15.98
CA SER B 274 -14.10 13.13 17.12
C SER B 274 -12.78 12.49 17.52
N ALA B 275 -11.80 13.34 17.80
CA ALA B 275 -10.56 12.95 18.47
C ALA B 275 -10.69 13.46 19.89
N LYS B 276 -10.35 12.61 20.86
CA LYS B 276 -10.43 12.97 22.27
C LYS B 276 -9.07 12.72 22.92
N TRP B 277 -8.65 13.61 23.83
CA TRP B 277 -7.40 13.47 24.57
C TRP B 277 -7.53 14.00 26.00
N THR B 278 -6.66 13.52 26.88
CA THR B 278 -6.59 14.00 28.25
C THR B 278 -5.19 14.50 28.54
N ARG B 279 -5.09 15.70 29.10
CA ARG B 279 -3.82 16.28 29.49
C ARG B 279 -3.28 15.55 30.70
N ALA B 280 -2.00 15.20 30.65
CA ALA B 280 -1.31 14.62 31.80
C ALA B 280 -1.20 15.62 32.96
N ALA C 2 10.21 30.56 -29.74
CA ALA C 2 10.72 29.46 -28.84
C ALA C 2 10.66 29.78 -27.34
N MET C 3 11.06 31.00 -27.01
CA MET C 3 11.24 31.45 -25.65
C MET C 3 10.34 32.62 -25.27
N GLY C 4 9.67 32.49 -24.13
CA GLY C 4 8.76 33.50 -23.64
C GLY C 4 9.45 34.78 -23.22
N ASP C 5 8.79 35.91 -23.53
CA ASP C 5 9.30 37.23 -23.28
C ASP C 5 8.50 37.90 -22.17
N VAL C 6 9.09 38.01 -20.99
CA VAL C 6 8.46 38.64 -19.83
C VAL C 6 8.62 40.15 -19.97
N THR C 7 7.52 40.88 -19.83
CA THR C 7 7.55 42.35 -19.82
C THR C 7 8.14 42.78 -18.50
N LYS C 8 9.16 43.65 -18.56
CA LYS C 8 9.88 44.04 -17.36
C LYS C 8 9.19 45.23 -16.72
N PRO C 9 9.10 45.25 -15.38
CA PRO C 9 8.70 46.51 -14.73
C PRO C 9 9.82 47.52 -14.92
N THR C 10 9.49 48.80 -14.81
CA THR C 10 10.49 49.87 -14.97
C THR C 10 10.97 50.49 -13.66
N SER C 11 10.15 50.45 -12.61
CA SER C 11 10.51 50.92 -11.29
C SER C 11 9.58 50.40 -10.20
N ALA C 12 9.99 50.63 -8.95
CA ALA C 12 9.24 50.24 -7.77
C ALA C 12 9.48 51.25 -6.64
N LYS C 13 8.48 51.44 -5.78
CA LYS C 13 8.52 52.35 -4.66
C LYS C 13 8.26 51.55 -3.39
N PHE C 14 9.10 51.72 -2.38
CA PHE C 14 9.05 50.92 -1.18
C PHE C 14 8.76 51.76 0.05
N ILE C 15 8.12 51.13 1.03
CA ILE C 15 7.59 51.78 2.22
C ILE C 15 7.94 50.89 3.39
N GLU C 16 8.40 51.51 4.50
CA GLU C 16 8.73 50.77 5.74
C GLU C 16 7.43 50.35 6.42
N THR C 17 7.39 49.14 6.96
CA THR C 17 6.21 48.67 7.72
C THR C 17 6.22 49.10 9.19
N GLY C 18 7.40 49.47 9.71
CA GLY C 18 7.59 49.71 11.14
C GLY C 18 8.18 48.52 11.89
N VAL C 19 8.23 47.36 11.25
CA VAL C 19 8.91 46.19 11.82
C VAL C 19 10.43 46.29 11.58
N LYS C 20 11.20 46.09 12.63
CA LYS C 20 12.66 46.02 12.52
C LYS C 20 13.25 45.17 13.61
N THR C 21 14.46 44.72 13.36
CA THR C 21 15.20 43.88 14.30
C THR C 21 16.71 44.12 14.19
N ASP C 22 17.40 43.90 15.31
CA ASP C 22 18.86 43.87 15.33
C ASP C 22 19.43 42.53 14.85
N GLY C 23 18.56 41.55 14.59
CA GLY C 23 18.98 40.27 14.05
C GLY C 23 19.09 39.21 15.11
N TYR C 24 18.87 37.96 14.69
CA TYR C 24 18.94 36.78 15.59
C TYR C 24 20.22 35.96 15.42
N ILE C 25 21.07 36.42 14.50
CA ILE C 25 22.33 35.79 14.14
C ILE C 25 23.36 36.88 13.92
N ARG C 26 24.62 36.47 13.78
CA ARG C 26 25.71 37.35 13.37
C ARG C 26 26.44 36.65 12.26
N VAL C 27 27.37 37.34 11.61
CA VAL C 27 28.15 36.77 10.52
C VAL C 27 29.62 37.13 10.67
N ASN C 28 30.47 36.09 10.64
CA ASN C 28 31.92 36.26 10.45
C ASN C 28 32.17 36.71 9.03
N MET C 29 32.35 38.02 8.89
CA MET C 29 32.67 38.63 7.62
C MET C 29 34.17 38.67 7.52
N PRO C 30 34.72 38.67 6.29
CA PRO C 30 36.17 38.79 6.19
C PRO C 30 36.38 40.22 6.65
N ASN C 31 37.29 40.33 7.64
CA ASN C 31 37.73 41.51 8.42
C ASN C 31 36.83 41.97 9.56
N HIS C 32 35.75 41.22 9.84
CA HIS C 32 34.76 41.62 10.85
C HIS C 32 34.08 40.40 11.48
N PRO C 33 34.70 39.83 12.53
CA PRO C 33 34.07 38.70 13.20
C PRO C 33 32.78 39.11 13.93
N ASN C 34 31.79 38.21 13.95
CA ASN C 34 30.55 38.41 14.70
C ASN C 34 29.80 39.72 14.34
N GLU C 35 29.85 40.10 13.07
CA GLU C 35 29.21 41.32 12.58
C GLU C 35 27.65 41.13 12.65
N TRP C 36 26.96 42.13 13.17
CA TRP C 36 25.50 42.10 13.28
C TRP C 36 24.89 42.34 11.90
N MET C 37 23.73 41.72 11.68
CA MET C 37 22.99 41.86 10.44
C MET C 37 21.57 42.35 10.76
N ILE C 38 21.46 43.65 10.96
CA ILE C 38 20.20 44.30 11.31
C ILE C 38 19.37 44.47 10.04
N SER C 39 18.06 44.69 10.19
CA SER C 39 17.18 44.95 9.05
C SER C 39 15.88 45.66 9.42
N SER C 40 15.29 46.31 8.42
CA SER C 40 13.99 46.95 8.50
C SER C 40 13.04 46.31 7.47
N GLN C 41 11.85 45.93 7.89
CA GLN C 41 10.88 45.33 6.99
C GLN C 41 10.25 46.41 6.10
N PHE C 42 10.18 46.12 4.80
CA PHE C 42 9.52 47.00 3.83
C PHE C 42 8.67 46.26 2.79
N LYS C 43 7.79 47.01 2.16
CA LYS C 43 6.84 46.53 1.14
C LYS C 43 6.89 47.48 -0.04
N ASP C 44 6.56 46.98 -1.23
CA ASP C 44 6.40 47.87 -2.37
C ASP C 44 5.01 48.54 -2.27
N SER C 45 4.71 49.46 -3.17
CA SER C 45 3.46 50.24 -3.08
C SER C 45 2.17 49.45 -3.39
N HIS C 46 2.30 48.22 -3.92
CA HIS C 46 1.15 47.31 -4.07
C HIS C 46 0.98 46.35 -2.86
N GLY C 47 1.74 46.56 -1.79
CA GLY C 47 1.62 45.74 -0.59
C GLY C 47 2.33 44.40 -0.59
N ASN C 48 3.24 44.18 -1.55
CA ASN C 48 4.05 42.96 -1.57
C ASN C 48 5.37 43.18 -0.88
N ILE C 49 5.77 42.20 -0.08
CA ILE C 49 6.97 42.31 0.73
C ILE C 49 8.24 42.38 -0.15
N GLY C 50 9.14 43.30 0.19
CA GLY C 50 10.46 43.38 -0.47
C GLY C 50 11.53 42.76 0.43
N TYR C 51 12.59 42.23 -0.17
CA TYR C 51 13.76 41.75 0.58
C TYR C 51 15.03 42.43 0.08
N CYS C 52 15.93 42.65 1.03
CA CYS C 52 17.21 43.30 0.79
C CYS C 52 18.22 42.37 0.14
N MET C 53 18.94 42.88 -0.86
CA MET C 53 20.01 42.15 -1.58
C MET C 53 21.40 42.44 -1.02
N ASP C 54 21.52 43.54 -0.25
CA ASP C 54 22.83 44.07 0.17
C ASP C 54 22.81 44.32 1.67
N SER C 55 23.52 43.48 2.42
CA SER C 55 23.52 43.56 3.88
C SER C 55 24.14 44.83 4.49
N GLU C 56 24.95 45.57 3.74
CA GLU C 56 25.66 46.73 4.29
C GLU C 56 25.07 48.09 3.89
N LEU C 57 23.92 48.11 3.23
CA LEU C 57 23.28 49.38 2.82
C LEU C 57 21.92 49.54 3.49
N PRO C 58 21.46 50.79 3.69
CA PRO C 58 20.13 50.99 4.32
C PRO C 58 18.93 50.62 3.44
N SER C 59 17.78 50.40 4.06
CA SER C 59 16.50 50.11 3.37
C SER C 59 16.15 51.16 2.31
N PRO C 60 15.54 50.74 1.19
CA PRO C 60 15.25 51.63 0.09
C PRO C 60 13.94 52.39 0.22
N THR C 61 13.84 53.17 1.29
CA THR C 61 12.58 53.81 1.72
C THR C 61 12.75 55.29 2.08
N GLY C 62 11.64 56.01 2.12
CA GLY C 62 11.63 57.45 2.45
C GLY C 62 11.69 58.33 1.21
N SER C 63 11.71 59.64 1.42
CA SER C 63 11.72 60.62 0.31
C SER C 63 13.03 60.62 -0.48
N GLY C 64 14.16 60.35 0.20
CA GLY C 64 15.45 60.20 -0.45
C GLY C 64 15.44 59.10 -1.50
N ALA C 65 15.06 57.89 -1.12
CA ALA C 65 14.92 56.74 -2.04
C ALA C 65 14.10 57.06 -3.30
N GLY C 66 12.87 57.53 -3.10
CA GLY C 66 11.91 57.71 -4.20
C GLY C 66 11.66 56.36 -4.84
N SER C 67 11.47 56.34 -6.16
CA SER C 67 11.48 55.10 -6.92
C SER C 67 12.89 54.59 -7.20
N LEU C 68 13.06 53.27 -7.11
CA LEU C 68 14.23 52.55 -7.59
C LEU C 68 13.94 52.02 -9.00
N LYS C 69 14.83 52.28 -9.95
CA LYS C 69 14.70 51.77 -11.30
C LYS C 69 14.93 50.27 -11.36
N TYR C 70 14.31 49.63 -12.36
CA TYR C 70 14.51 48.21 -12.65
C TYR C 70 15.99 47.86 -12.84
N LYS C 71 16.41 46.75 -12.25
CA LYS C 71 17.78 46.28 -12.36
C LYS C 71 17.86 44.96 -13.14
N GLY C 72 17.11 43.95 -12.69
CA GLY C 72 17.12 42.63 -13.35
C GLY C 72 16.06 41.65 -12.86
N ALA C 73 16.04 40.50 -13.52
CA ALA C 73 15.07 39.46 -13.25
C ALA C 73 15.61 38.53 -12.20
N GLY C 74 14.84 38.28 -11.15
CA GLY C 74 15.25 37.34 -10.10
C GLY C 74 15.34 35.90 -10.57
N SER C 75 16.30 35.14 -10.05
CA SER C 75 16.45 33.74 -10.40
C SER C 75 15.31 32.85 -9.85
N ASP C 76 15.29 31.60 -10.28
CA ASP C 76 14.37 30.59 -9.76
C ASP C 76 14.54 30.41 -8.23
N GLU C 77 15.77 30.58 -7.74
CA GLU C 77 16.03 30.48 -6.31
C GLU C 77 15.27 31.58 -5.56
N PHE C 78 15.34 32.82 -6.06
CA PHE C 78 14.60 33.92 -5.45
C PHE C 78 13.07 33.73 -5.58
N TYR C 79 12.61 33.21 -6.71
CA TYR C 79 11.18 32.88 -6.87
C TYR C 79 10.74 31.96 -5.74
N ARG C 80 11.48 30.88 -5.54
CA ARG C 80 11.17 29.91 -4.51
C ARG C 80 11.28 30.46 -3.09
N MET C 81 12.23 31.38 -2.86
CA MET C 81 12.33 32.04 -1.55
C MET C 81 11.01 32.71 -1.20
N PHE C 82 10.44 33.45 -2.14
CA PHE C 82 9.15 34.09 -1.94
C PHE C 82 8.02 33.07 -1.72
N LYS C 83 7.92 32.08 -2.61
CA LYS C 83 6.85 31.07 -2.53
CA LYS C 83 6.85 31.07 -2.53
C LYS C 83 6.90 30.22 -1.26
N GLY C 84 8.12 29.87 -0.82
CA GLY C 84 8.35 29.05 0.36
C GLY C 84 8.69 29.78 1.65
N GLY C 85 8.71 31.11 1.59
CA GLY C 85 9.10 31.96 2.75
C GLY C 85 7.97 32.88 3.17
N PHE C 86 8.30 33.84 4.04
CA PHE C 86 7.28 34.71 4.65
C PHE C 86 7.00 35.86 3.68
N PRO C 87 5.73 36.32 3.55
CA PRO C 87 4.54 35.81 4.25
C PRO C 87 3.69 34.80 3.44
N SER C 88 4.22 34.29 2.34
CA SER C 88 3.54 33.24 1.57
C SER C 88 3.28 32.01 2.46
N LYS C 89 4.29 31.65 3.26
CA LYS C 89 4.12 30.70 4.35
C LYS C 89 4.04 31.44 5.68
N THR C 90 3.21 30.93 6.59
CA THR C 90 3.04 31.52 7.91
C THR C 90 4.21 31.19 8.82
N ALA C 91 4.31 31.90 9.94
CA ALA C 91 5.27 31.59 11.00
C ALA C 91 5.19 30.13 11.47
N LYS C 92 3.98 29.68 11.78
CA LYS C 92 3.73 28.30 12.22
C LYS C 92 4.24 27.26 11.22
N GLU C 93 3.91 27.44 9.94
CA GLU C 93 4.38 26.57 8.86
C GLU C 93 5.88 26.52 8.71
N LEU C 94 6.54 27.65 8.93
CA LEU C 94 8.01 27.75 8.85
C LEU C 94 8.77 27.31 10.10
N GLY C 95 8.09 27.14 11.24
CA GLY C 95 8.74 26.78 12.51
C GLY C 95 9.23 28.02 13.29
N ALA C 96 8.95 29.20 12.76
CA ALA C 96 9.24 30.44 13.45
C ALA C 96 8.20 30.65 14.53
N GLY C 97 8.59 31.30 15.62
CA GLY C 97 7.71 31.59 16.73
C GLY C 97 6.81 32.79 16.57
N ASN C 98 7.14 33.68 15.63
CA ASN C 98 6.35 34.89 15.35
C ASN C 98 6.69 35.42 13.95
N ASP C 99 5.96 36.41 13.48
CA ASP C 99 6.16 36.98 12.13
C ASP C 99 7.48 37.71 11.91
N THR C 100 8.07 38.27 12.97
CA THR C 100 9.38 38.93 12.86
C THR C 100 10.46 37.92 12.61
N GLU C 101 10.43 36.81 13.34
CA GLU C 101 11.37 35.68 13.13
C GLU C 101 11.21 35.08 11.75
N ALA C 102 9.96 34.90 11.30
CA ALA C 102 9.70 34.32 9.97
C ALA C 102 10.22 35.25 8.86
N TRP C 103 9.90 36.54 8.96
CA TRP C 103 10.41 37.52 8.03
C TRP C 103 11.95 37.57 8.02
N TYR C 104 12.59 37.61 9.19
CA TYR C 104 14.05 37.69 9.25
C TYR C 104 14.72 36.45 8.66
N ALA C 105 14.17 35.28 8.97
CA ALA C 105 14.60 34.01 8.36
C ALA C 105 14.60 34.09 6.84
N THR C 106 13.57 34.70 6.29
CA THR C 106 13.46 34.85 4.86
C THR C 106 14.51 35.86 4.35
N GLN C 107 14.69 36.97 5.06
CA GLN C 107 15.73 37.96 4.72
C GLN C 107 17.14 37.35 4.77
N LEU C 108 17.34 36.42 5.70
CA LEU C 108 18.62 35.73 5.83
C LEU C 108 18.89 34.90 4.55
N VAL C 109 17.87 34.17 4.08
CA VAL C 109 17.94 33.49 2.78
C VAL C 109 18.26 34.47 1.64
N SER C 110 17.55 35.57 1.58
CA SER C 110 17.83 36.61 0.57
C SER C 110 19.30 37.05 0.55
N TRP C 111 19.86 37.33 1.73
CA TRP C 111 21.25 37.78 1.82
C TRP C 111 22.23 36.73 1.31
N VAL C 112 21.98 35.46 1.65
CA VAL C 112 22.82 34.35 1.20
C VAL C 112 22.70 34.14 -0.30
N LEU C 113 21.46 34.12 -0.81
CA LEU C 113 21.23 33.95 -2.25
C LEU C 113 21.86 35.08 -3.07
N ALA C 114 21.85 36.30 -2.53
CA ALA C 114 22.47 37.45 -3.20
C ALA C 114 24.01 37.47 -3.10
N GLY C 115 24.57 36.54 -2.35
CA GLY C 115 26.01 36.38 -2.27
C GLY C 115 26.71 37.23 -1.23
N ASN C 116 25.98 37.76 -0.25
CA ASN C 116 26.56 38.63 0.77
C ASN C 116 27.53 37.86 1.71
N PHE C 117 27.18 36.62 2.01
CA PHE C 117 28.02 35.69 2.76
C PHE C 117 27.53 34.26 2.56
N LYS C 118 28.42 33.31 2.86
CA LYS C 118 28.11 31.88 2.83
C LYS C 118 27.45 31.45 4.14
N VAL C 119 26.76 30.31 4.10
CA VAL C 119 26.13 29.71 5.28
C VAL C 119 27.16 29.36 6.36
N SER C 120 28.35 28.93 5.96
CA SER C 120 29.41 28.61 6.92
C SER C 120 29.91 29.84 7.70
N GLN C 121 29.67 31.05 7.20
CA GLN C 121 29.98 32.28 7.93
C GLN C 121 28.93 32.67 8.99
N ILE C 122 27.74 32.09 8.95
CA ILE C 122 26.68 32.46 9.89
C ILE C 122 27.01 31.98 11.30
N VAL C 123 27.00 32.92 12.26
CA VAL C 123 27.12 32.60 13.69
C VAL C 123 25.70 32.54 14.30
N TRP C 124 25.33 31.37 14.79
CA TRP C 124 23.93 31.10 15.22
C TRP C 124 23.73 31.49 16.67
N SER C 125 23.95 32.77 16.95
CA SER C 125 23.74 33.35 18.27
C SER C 125 23.82 34.86 18.16
N HIS C 126 23.15 35.54 19.08
CA HIS C 126 23.12 37.00 19.15
C HIS C 126 22.93 37.41 20.63
N PRO C 127 23.69 38.41 21.13
CA PRO C 127 23.63 38.78 22.56
C PRO C 127 22.27 39.29 23.11
N ASN C 128 21.36 39.71 22.23
CA ASN C 128 20.05 40.27 22.58
C ASN C 128 18.87 39.28 22.40
N HIS C 129 19.17 38.05 21.99
CA HIS C 129 18.12 37.04 21.78
C HIS C 129 18.52 35.71 22.37
N THR C 130 17.52 34.96 22.85
CA THR C 130 17.78 33.66 23.50
C THR C 130 18.17 32.62 22.46
N ALA C 131 18.77 31.54 22.91
CA ALA C 131 19.12 30.41 22.05
C ALA C 131 17.88 29.81 21.38
N ALA C 132 16.73 29.79 22.08
CA ALA C 132 15.48 29.25 21.51
C ALA C 132 14.95 30.12 20.37
N GLU C 133 15.02 31.45 20.55
CA GLU C 133 14.66 32.40 19.47
C GLU C 133 15.53 32.17 18.21
N THR C 134 16.83 32.16 18.41
CA THR C 134 17.77 31.96 17.30
C THR C 134 17.56 30.61 16.63
N ALA C 135 17.30 29.56 17.43
CA ALA C 135 17.07 28.21 16.90
C ALA C 135 15.79 28.09 16.04
N ARG C 136 14.72 28.77 16.44
CA ARG C 136 13.53 28.87 15.57
C ARG C 136 13.85 29.56 14.26
N VAL C 137 14.63 30.65 14.33
CA VAL C 137 15.10 31.33 13.12
C VAL C 137 15.95 30.40 12.23
N LYS C 138 16.87 29.67 12.86
CA LYS C 138 17.67 28.70 12.15
C LYS C 138 16.83 27.61 11.43
N LYS C 139 15.87 27.06 12.14
CA LYS C 139 14.93 26.06 11.61
C LYS C 139 14.15 26.63 10.41
N ALA C 140 13.57 27.82 10.58
CA ALA C 140 12.88 28.51 9.48
C ALA C 140 13.78 28.78 8.27
N PHE C 141 14.99 29.32 8.54
CA PHE C 141 16.01 29.54 7.50
C PHE C 141 16.30 28.29 6.68
N GLU C 142 16.61 27.20 7.36
CA GLU C 142 16.95 25.94 6.71
C GLU C 142 15.82 25.36 5.86
N LYS C 143 14.59 25.50 6.34
CA LYS C 143 13.44 25.11 5.54
C LYS C 143 13.39 25.93 4.25
N ILE C 144 13.41 27.26 4.39
CA ILE C 144 13.25 28.14 3.23
C ILE C 144 14.44 27.98 2.26
N TYR C 145 15.66 27.96 2.81
CA TYR C 145 16.87 27.84 2.01
C TYR C 145 16.91 26.54 1.22
N ASP C 146 16.64 25.43 1.91
CA ASP C 146 16.58 24.13 1.24
C ASP C 146 15.62 24.14 0.06
N TYR C 147 14.44 24.73 0.24
CA TYR C 147 13.48 24.85 -0.85
C TYR C 147 14.01 25.77 -1.98
N ALA C 148 14.56 26.91 -1.62
CA ALA C 148 15.12 27.85 -2.61
C ALA C 148 16.24 27.25 -3.47
N LYS C 149 17.17 26.54 -2.83
CA LYS C 149 18.29 25.88 -3.51
C LYS C 149 17.84 24.63 -4.27
N ASN C 150 17.06 23.78 -3.60
CA ASN C 150 16.84 22.41 -4.07
C ASN C 150 15.44 22.10 -4.59
N GLY C 151 14.48 23.01 -4.39
CA GLY C 151 13.11 22.84 -4.91
C GLY C 151 13.09 22.94 -6.42
N LYS C 152 12.00 22.45 -7.04
CA LYS C 152 11.92 22.36 -8.51
C LYS C 152 11.05 23.43 -9.18
N ASP C 153 10.18 24.10 -8.42
CA ASP C 153 9.18 25.04 -8.98
C ASP C 153 9.85 26.30 -9.49
N THR C 154 9.33 26.82 -10.60
CA THR C 154 9.88 27.99 -11.29
C THR C 154 8.72 28.88 -11.72
N PRO C 155 9.01 30.13 -12.15
CA PRO C 155 7.94 30.98 -12.72
C PRO C 155 7.63 30.71 -14.22
N ASN C 156 8.11 29.59 -14.76
CA ASN C 156 7.90 29.22 -16.15
C ASN C 156 6.41 29.22 -16.54
N THR C 157 6.12 29.81 -17.70
CA THR C 157 4.81 29.78 -18.32
C THR C 157 4.78 28.56 -19.24
N GLU C 158 3.86 27.64 -18.97
CA GLU C 158 3.57 26.53 -19.88
C GLU C 158 2.47 27.02 -20.83
N PHE C 159 2.64 26.74 -22.12
CA PHE C 159 1.61 27.00 -23.11
C PHE C 159 1.67 25.99 -24.25
N SER C 160 0.51 25.43 -24.59
CA SER C 160 0.40 24.51 -25.71
C SER C 160 -0.95 24.61 -26.41
N ILE C 161 -0.92 24.37 -27.73
CA ILE C 161 -2.09 24.14 -28.55
C ILE C 161 -1.90 22.76 -29.14
N THR C 162 -2.87 21.87 -28.92
CA THR C 162 -2.77 20.47 -29.34
C THR C 162 -4.05 20.06 -30.09
N ALA C 163 -3.88 19.48 -31.27
CA ALA C 163 -4.99 18.95 -32.06
C ALA C 163 -5.60 17.80 -31.29
N SER C 164 -6.92 17.81 -31.16
CA SER C 164 -7.64 16.77 -30.42
C SER C 164 -8.46 15.86 -31.35
N LYS C 165 -9.11 16.44 -32.34
CA LYS C 165 -9.90 15.67 -33.31
C LYS C 165 -10.15 16.44 -34.59
N THR C 166 -10.46 15.69 -35.64
CA THR C 166 -10.83 16.24 -36.95
C THR C 166 -12.07 15.51 -37.42
N ALA C 167 -12.93 16.22 -38.13
CA ALA C 167 -14.14 15.61 -38.70
C ALA C 167 -14.74 16.46 -39.78
N ASP C 168 -15.40 15.80 -40.72
CA ASP C 168 -16.24 16.48 -41.70
C ASP C 168 -17.62 16.64 -41.07
N GLU C 169 -18.14 17.85 -41.12
CA GLU C 169 -19.41 18.24 -40.48
C GLU C 169 -20.08 19.26 -41.39
N GLY C 170 -21.27 18.92 -41.90
CA GLY C 170 -21.97 19.73 -42.87
C GLY C 170 -21.09 20.01 -44.08
N LYS C 171 -20.94 21.29 -44.40
CA LYS C 171 -20.14 21.74 -45.53
C LYS C 171 -18.70 22.17 -45.14
N TYR C 172 -18.19 21.65 -44.02
CA TYR C 172 -16.84 21.99 -43.55
C TYR C 172 -16.01 20.77 -43.18
N HIS C 173 -14.72 20.83 -43.51
CA HIS C 173 -13.70 20.05 -42.81
C HIS C 173 -13.44 20.80 -41.50
N THR C 174 -13.51 20.10 -40.37
CA THR C 174 -13.33 20.72 -39.05
C THR C 174 -12.06 20.20 -38.34
N PHE C 175 -11.39 21.08 -37.63
CA PHE C 175 -10.17 20.75 -36.88
C PHE C 175 -10.27 21.38 -35.50
N THR C 176 -10.39 20.55 -34.48
CA THR C 176 -10.50 21.02 -33.10
C THR C 176 -9.14 20.92 -32.41
N TYR C 177 -8.81 21.94 -31.61
CA TYR C 177 -7.55 22.03 -30.87
C TYR C 177 -7.83 22.37 -29.41
N LYS C 178 -7.05 21.79 -28.50
CA LYS C 178 -7.09 22.14 -27.07
C LYS C 178 -5.96 23.10 -26.71
N THR C 179 -6.30 24.18 -26.00
CA THR C 179 -5.29 25.10 -25.43
C THR C 179 -5.05 24.71 -23.98
N ALA C 180 -3.83 24.94 -23.51
CA ALA C 180 -3.47 24.70 -22.11
C ALA C 180 -2.40 25.67 -21.63
N SER C 181 -2.53 26.10 -20.38
CA SER C 181 -1.56 26.97 -19.74
C SER C 181 -1.69 26.92 -18.22
N ASN C 182 -0.58 27.11 -17.54
CA ASN C 182 -0.59 27.30 -16.08
C ASN C 182 -0.74 28.77 -15.68
N LYS C 183 -0.94 29.68 -16.63
CA LYS C 183 -1.22 31.09 -16.34
C LYS C 183 -2.53 31.52 -17.00
N THR C 184 -3.16 32.56 -16.45
CA THR C 184 -4.40 33.10 -17.01
C THR C 184 -4.07 34.17 -18.06
N GLY C 185 -4.93 34.27 -19.07
CA GLY C 185 -4.77 35.20 -20.18
C GLY C 185 -5.49 34.65 -21.41
N ASN C 186 -4.93 34.89 -22.59
CA ASN C 186 -5.48 34.38 -23.85
C ASN C 186 -4.34 34.18 -24.85
N ALA C 187 -4.68 33.68 -26.03
CA ALA C 187 -3.71 33.51 -27.11
C ALA C 187 -4.26 34.07 -28.41
N LYS C 188 -3.32 34.57 -29.22
CA LYS C 188 -3.58 35.10 -30.55
C LYS C 188 -3.05 34.11 -31.58
N LEU C 189 -3.88 33.76 -32.56
CA LEU C 189 -3.46 32.90 -33.65
C LEU C 189 -2.78 33.72 -34.76
N THR C 190 -1.66 33.21 -35.27
CA THR C 190 -1.02 33.74 -36.48
C THR C 190 -0.99 32.62 -37.50
N PHE C 191 -1.55 32.89 -38.67
CA PHE C 191 -1.51 31.94 -39.78
C PHE C 191 -0.27 32.16 -40.63
N THR C 192 0.51 31.11 -40.80
CA THR C 192 1.81 31.17 -41.43
C THR C 192 1.80 30.67 -42.86
N SER C 193 0.63 30.27 -43.35
CA SER C 193 0.40 29.98 -44.77
C SER C 193 -0.90 30.67 -45.19
N ALA C 194 -1.20 30.52 -46.48
CA ALA C 194 -2.42 31.02 -47.09
C ALA C 194 -3.68 30.43 -46.41
N LYS C 195 -4.62 31.31 -46.10
CA LYS C 195 -5.87 30.90 -45.50
C LYS C 195 -6.89 30.59 -46.60
N PRO C 196 -7.50 29.40 -46.55
CA PRO C 196 -8.52 29.10 -47.59
C PRO C 196 -9.71 30.04 -47.49
N ALA C 197 -10.32 30.35 -48.63
CA ALA C 197 -11.53 31.20 -48.66
C ALA C 197 -12.64 30.55 -47.83
N GLY C 198 -13.40 31.38 -47.12
CA GLY C 198 -14.51 30.93 -46.29
C GLY C 198 -14.12 30.19 -45.02
N MET C 199 -12.84 30.27 -44.63
CA MET C 199 -12.38 29.66 -43.38
C MET C 199 -13.01 30.38 -42.20
N LYS C 200 -13.50 29.62 -41.22
CA LYS C 200 -14.02 30.18 -39.98
C LYS C 200 -13.37 29.53 -38.77
N ILE C 201 -13.39 30.26 -37.65
CA ILE C 201 -12.92 29.74 -36.36
C ILE C 201 -14.06 29.87 -35.34
N TYR C 202 -14.26 28.82 -34.55
CA TYR C 202 -15.28 28.81 -33.48
C TYR C 202 -14.67 28.50 -32.11
N ASP C 203 -15.19 29.14 -31.07
CA ASP C 203 -14.80 28.84 -29.67
C ASP C 203 -15.46 27.55 -29.19
N ALA C 204 -15.21 27.16 -27.95
CA ALA C 204 -15.74 25.92 -27.37
C ALA C 204 -17.26 25.88 -27.24
N ASP C 205 -17.90 27.05 -27.21
CA ASP C 205 -19.38 27.13 -27.13
C ASP C 205 -20.05 27.13 -28.52
N GLY C 206 -19.26 27.03 -29.59
CA GLY C 206 -19.77 27.04 -30.96
C GLY C 206 -20.04 28.41 -31.56
N LYS C 207 -19.52 29.45 -30.90
CA LYS C 207 -19.69 30.84 -31.34
C LYS C 207 -18.45 31.26 -32.14
N GLU C 208 -18.67 32.00 -33.21
CA GLU C 208 -17.61 32.36 -34.12
C GLU C 208 -16.63 33.36 -33.50
N ILE C 209 -15.33 33.11 -33.74
CA ILE C 209 -14.27 34.02 -33.37
C ILE C 209 -13.88 34.81 -34.62
N THR C 210 -13.80 36.13 -34.49
CA THR C 210 -13.44 37.01 -35.61
C THR C 210 -12.22 37.91 -35.33
N ASN C 211 -11.65 37.80 -34.13
CA ASN C 211 -10.49 38.62 -33.75
C ASN C 211 -9.23 37.75 -33.54
N ASN C 212 -9.24 36.54 -34.09
CA ASN C 212 -8.14 35.55 -33.98
C ASN C 212 -7.68 35.23 -32.55
N THR C 213 -8.55 35.39 -31.57
CA THR C 213 -8.18 35.22 -30.16
C THR C 213 -8.92 34.01 -29.56
N VAL C 214 -8.18 33.19 -28.83
CA VAL C 214 -8.73 31.98 -28.20
C VAL C 214 -8.46 32.00 -26.70
N LYS C 215 -9.21 31.22 -25.98
CA LYS C 215 -9.08 31.09 -24.55
C LYS C 215 -8.05 30.02 -24.24
N LEU C 216 -7.42 30.13 -23.08
CA LEU C 216 -6.50 29.13 -22.55
C LEU C 216 -7.26 28.12 -21.70
N ASN C 217 -6.79 26.87 -21.68
CA ASN C 217 -7.48 25.77 -20.99
C ASN C 217 -8.91 25.62 -21.51
N SER C 218 -9.02 25.54 -22.82
CA SER C 218 -10.29 25.52 -23.53
C SER C 218 -10.09 24.78 -24.86
N SER C 219 -10.97 25.02 -25.82
CA SER C 219 -10.73 24.53 -27.16
C SER C 219 -11.30 25.48 -28.18
N PHE C 220 -10.87 25.31 -29.42
CA PHE C 220 -11.45 25.99 -30.56
C PHE C 220 -11.44 25.06 -31.75
N THR C 221 -12.20 25.45 -32.77
CA THR C 221 -12.32 24.67 -33.99
C THR C 221 -12.12 25.57 -35.20
N ILE C 222 -11.27 25.10 -36.12
CA ILE C 222 -11.07 25.75 -37.42
C ILE C 222 -11.93 24.97 -38.43
N LYS C 223 -12.63 25.69 -39.29
CA LYS C 223 -13.52 25.09 -40.29
C LYS C 223 -13.14 25.55 -41.69
N VAL C 224 -12.91 24.58 -42.56
CA VAL C 224 -12.44 24.83 -43.93
C VAL C 224 -13.52 24.27 -44.85
N PRO C 225 -14.09 25.09 -45.75
CA PRO C 225 -15.16 24.57 -46.62
C PRO C 225 -14.74 23.33 -47.41
N VAL C 226 -15.64 22.33 -47.50
CA VAL C 226 -15.34 21.10 -48.26
C VAL C 226 -15.12 21.35 -49.77
N THR C 227 -15.53 22.53 -50.25
CA THR C 227 -15.21 22.96 -51.62
C THR C 227 -13.74 23.38 -51.83
N THR C 228 -13.00 23.58 -50.75
CA THR C 228 -11.62 24.01 -50.84
C THR C 228 -10.76 22.92 -51.50
N PRO C 229 -9.91 23.31 -52.48
CA PRO C 229 -8.93 22.39 -53.07
C PRO C 229 -8.04 21.71 -52.02
N SER C 230 -7.72 20.43 -52.25
CA SER C 230 -6.91 19.65 -51.31
C SER C 230 -5.65 20.40 -50.90
N GLY C 231 -5.34 20.39 -49.62
CA GLY C 231 -4.14 21.09 -49.16
C GLY C 231 -3.99 21.19 -47.66
N THR C 232 -3.16 22.15 -47.26
CA THR C 232 -2.82 22.34 -45.87
C THR C 232 -2.86 23.80 -45.47
N LEU C 233 -3.00 23.98 -44.17
CA LEU C 233 -2.99 25.27 -43.52
C LEU C 233 -2.06 25.12 -42.31
N SER C 234 -1.23 26.11 -42.04
CA SER C 234 -0.37 26.07 -40.84
C SER C 234 -0.57 27.32 -40.01
N PHE C 235 -0.45 27.16 -38.68
CA PHE C 235 -0.58 28.29 -37.76
C PHE C 235 0.16 28.04 -36.45
N LYS C 236 0.25 29.10 -35.66
CA LYS C 236 0.70 29.02 -34.25
C LYS C 236 -0.15 29.95 -33.41
N GLY C 237 -0.05 29.78 -32.10
CA GLY C 237 -0.66 30.68 -31.14
C GLY C 237 0.42 31.40 -30.37
N THR C 238 0.14 32.62 -29.95
CA THR C 238 1.02 33.37 -29.04
C THR C 238 0.21 33.71 -27.81
N ALA C 239 0.51 33.04 -26.69
CA ALA C 239 -0.16 33.33 -25.42
C ALA C 239 0.25 34.68 -24.90
N ASN C 240 -0.69 35.37 -24.27
CA ASN C 240 -0.43 36.61 -23.58
C ASN C 240 -1.01 36.42 -22.20
N VAL C 241 -0.14 36.29 -21.22
CA VAL C 241 -0.54 35.87 -19.89
C VAL C 241 -0.09 36.86 -18.83
N SER C 242 -0.70 36.72 -17.66
CA SER C 242 -0.33 37.39 -16.47
C SER C 242 0.64 36.46 -15.75
N THR C 243 1.74 37.01 -15.24
CA THR C 243 2.72 36.22 -14.49
C THR C 243 3.27 37.08 -13.34
N THR C 244 3.47 36.46 -12.18
CA THR C 244 4.02 37.12 -11.00
C THR C 244 5.42 36.53 -10.72
N ASN C 245 6.46 37.31 -11.04
CA ASN C 245 7.88 36.89 -10.99
C ASN C 245 8.68 37.85 -10.08
N PRO C 246 9.83 37.37 -9.56
CA PRO C 246 10.67 38.23 -8.74
C PRO C 246 11.56 39.12 -9.60
N PHE C 247 11.64 40.40 -9.25
CA PHE C 247 12.50 41.35 -9.93
C PHE C 247 13.33 42.15 -8.93
N THR C 248 14.53 42.53 -9.37
CA THR C 248 15.43 43.32 -8.54
C THR C 248 15.43 44.76 -9.02
N PHE C 249 15.63 45.67 -8.05
CA PHE C 249 15.64 47.09 -8.28
C PHE C 249 16.90 47.77 -7.71
N ASP C 250 17.29 48.85 -8.38
CA ASP C 250 18.60 49.46 -8.23
C ASP C 250 18.56 50.53 -7.15
N GLY C 251 19.26 50.26 -6.03
CA GLY C 251 19.43 51.23 -4.94
C GLY C 251 20.47 52.32 -5.16
N ARG C 252 21.15 52.27 -6.31
CA ARG C 252 22.06 53.31 -6.81
C ARG C 252 23.30 53.49 -5.94
N GLY C 253 23.71 52.41 -5.27
CA GLY C 253 24.85 52.44 -4.35
C GLY C 253 24.67 53.27 -3.08
N VAL C 254 23.44 53.74 -2.83
CA VAL C 254 23.11 54.55 -1.65
C VAL C 254 22.16 53.76 -0.75
N TYR C 255 21.11 53.25 -1.36
CA TYR C 255 20.22 52.29 -0.68
C TYR C 255 20.53 50.90 -1.19
N GLN C 256 20.16 49.88 -0.43
CA GLN C 256 20.33 48.50 -0.89
C GLN C 256 19.49 48.28 -2.15
N ASP C 257 19.99 47.39 -3.00
CA ASP C 257 19.15 46.77 -4.03
C ASP C 257 18.10 45.91 -3.33
N ALA C 258 16.94 45.81 -3.96
CA ALA C 258 15.80 45.08 -3.40
C ALA C 258 15.10 44.19 -4.42
N VAL C 259 14.61 43.05 -3.94
CA VAL C 259 13.91 42.07 -4.76
C VAL C 259 12.46 41.99 -4.25
N VAL C 260 11.53 41.85 -5.18
CA VAL C 260 10.09 41.86 -4.87
C VAL C 260 9.32 41.16 -6.00
N MET C 261 8.22 40.49 -5.63
CA MET C 261 7.36 39.82 -6.60
C MET C 261 6.49 40.88 -7.25
N ILE C 262 6.51 40.92 -8.58
CA ILE C 262 5.65 41.81 -9.34
C ILE C 262 4.82 41.05 -10.39
N THR C 263 3.54 41.38 -10.46
CA THR C 263 2.65 40.88 -11.49
C THR C 263 2.91 41.66 -12.77
N THR C 264 3.25 40.97 -13.84
CA THR C 264 3.47 41.59 -15.17
C THR C 264 2.88 40.67 -16.26
N SER C 265 3.12 40.98 -17.53
CA SER C 265 2.67 40.14 -18.66
C SER C 265 3.85 39.36 -19.26
N GLU C 266 3.53 38.26 -19.94
CA GLU C 266 4.49 37.49 -20.72
C GLU C 266 3.83 36.98 -22.01
N THR C 267 4.56 37.04 -23.12
CA THR C 267 4.16 36.41 -24.37
C THR C 267 4.96 35.12 -24.60
N LYS C 268 4.30 34.09 -25.13
CA LYS C 268 4.98 32.83 -25.46
C LYS C 268 4.27 32.08 -26.57
N ASP C 269 5.05 31.61 -27.55
CA ASP C 269 4.53 30.85 -28.68
C ASP C 269 4.25 29.38 -28.37
N SER C 270 3.20 28.85 -29.00
CA SER C 270 2.97 27.43 -29.12
C SER C 270 3.91 26.89 -30.18
N LYS C 271 3.90 25.59 -30.37
CA LYS C 271 4.45 24.99 -31.58
C LYS C 271 3.63 25.33 -32.84
N SER C 272 4.22 25.00 -33.98
CA SER C 272 3.56 25.11 -35.28
C SER C 272 2.61 23.92 -35.46
N LEU C 273 1.39 24.22 -35.90
CA LEU C 273 0.37 23.20 -36.17
C LEU C 273 -0.04 23.25 -37.63
N SER C 274 -0.39 22.10 -38.18
CA SER C 274 -0.98 22.00 -39.54
C SER C 274 -2.33 21.31 -39.51
N ALA C 275 -3.28 21.86 -40.26
CA ALA C 275 -4.55 21.20 -40.58
C ALA C 275 -4.43 20.76 -42.03
N LYS C 276 -4.81 19.52 -42.31
CA LYS C 276 -4.73 18.97 -43.65
C LYS C 276 -6.11 18.43 -44.04
N TRP C 277 -6.50 18.63 -45.30
CA TRP C 277 -7.78 18.12 -45.83
C TRP C 277 -7.63 17.69 -47.30
N THR C 278 -8.51 16.81 -47.72
CA THR C 278 -8.58 16.36 -49.11
C THR C 278 -9.98 16.63 -49.64
N ARG C 279 -10.06 17.23 -50.83
CA ARG C 279 -11.32 17.62 -51.43
C ARG C 279 -12.11 16.36 -51.84
N ALA C 280 -13.33 16.32 -51.32
CA ALA C 280 -14.15 15.11 -51.33
C ALA C 280 -14.71 14.93 -52.72
N ALA D 2 -17.46 -29.66 35.08
CA ALA D 2 -18.59 -29.21 34.19
C ALA D 2 -18.59 -30.01 32.90
N MET D 3 -19.77 -30.13 32.30
CA MET D 3 -19.96 -31.10 31.22
C MET D 3 -20.34 -30.42 29.91
N GLY D 4 -19.54 -30.71 28.89
CA GLY D 4 -19.72 -30.15 27.57
C GLY D 4 -20.95 -30.74 26.88
N ASP D 5 -21.61 -29.90 26.10
N ASP D 5 -21.68 -29.89 26.16
CA ASP D 5 -22.79 -30.27 25.33
CA ASP D 5 -22.82 -30.33 25.35
C ASP D 5 -22.42 -30.32 23.86
C ASP D 5 -22.46 -30.33 23.86
N VAL D 6 -22.28 -31.52 23.31
CA VAL D 6 -21.91 -31.74 21.91
C VAL D 6 -23.17 -31.58 21.07
N THR D 7 -23.11 -30.77 20.02
CA THR D 7 -24.20 -30.64 19.06
C THR D 7 -24.23 -31.91 18.23
N LYS D 8 -25.41 -32.53 18.14
CA LYS D 8 -25.52 -33.81 17.47
C LYS D 8 -25.79 -33.58 15.99
N PRO D 9 -25.16 -34.38 15.11
CA PRO D 9 -25.59 -34.37 13.72
C PRO D 9 -26.99 -34.98 13.64
N THR D 10 -27.73 -34.65 12.58
CA THR D 10 -29.10 -35.16 12.43
C THR D 10 -29.24 -36.31 11.43
N SER D 11 -28.32 -36.41 10.46
CA SER D 11 -28.28 -37.50 9.51
C SER D 11 -26.94 -37.61 8.79
N ALA D 12 -26.77 -38.70 8.06
CA ALA D 12 -25.57 -38.97 7.28
C ALA D 12 -25.96 -39.78 6.03
N LYS D 13 -25.19 -39.59 4.95
CA LYS D 13 -25.42 -40.24 3.66
C LYS D 13 -24.16 -40.99 3.30
N PHE D 14 -24.27 -42.26 2.96
CA PHE D 14 -23.12 -43.11 2.73
C PHE D 14 -23.06 -43.62 1.30
N ILE D 15 -21.83 -43.85 0.84
CA ILE D 15 -21.52 -44.18 -0.55
C ILE D 15 -20.53 -45.33 -0.51
N GLU D 16 -20.73 -46.32 -1.39
CA GLU D 16 -19.80 -47.45 -1.52
C GLU D 16 -18.51 -46.98 -2.21
N THR D 17 -17.35 -47.45 -1.76
CA THR D 17 -16.08 -47.15 -2.43
C THR D 17 -15.76 -48.07 -3.61
N GLY D 18 -16.42 -49.22 -3.68
CA GLY D 18 -16.09 -50.26 -4.65
C GLY D 18 -15.25 -51.38 -4.05
N VAL D 19 -14.68 -51.17 -2.87
CA VAL D 19 -13.95 -52.22 -2.17
C VAL D 19 -14.93 -53.14 -1.42
N LYS D 20 -14.73 -54.43 -1.58
CA LYS D 20 -15.43 -55.43 -0.77
C LYS D 20 -14.61 -56.67 -0.59
N THR D 21 -15.02 -57.48 0.38
CA THR D 21 -14.36 -58.74 0.68
C THR D 21 -15.36 -59.76 1.26
N ASP D 22 -15.07 -61.04 1.03
CA ASP D 22 -15.80 -62.13 1.69
C ASP D 22 -15.29 -62.39 3.13
N GLY D 23 -14.22 -61.70 3.53
CA GLY D 23 -13.71 -61.78 4.88
C GLY D 23 -12.52 -62.70 4.99
N TYR D 24 -11.66 -62.41 5.97
CA TYR D 24 -10.43 -63.19 6.25
C TYR D 24 -10.57 -64.12 7.47
N ILE D 25 -11.74 -64.06 8.09
CA ILE D 25 -12.06 -64.82 9.30
C ILE D 25 -13.51 -65.31 9.16
N ARG D 26 -13.90 -66.19 10.08
CA ARG D 26 -15.29 -66.60 10.23
C ARG D 26 -15.61 -66.49 11.70
N VAL D 27 -16.89 -66.68 12.05
CA VAL D 27 -17.32 -66.59 13.44
C VAL D 27 -18.29 -67.74 13.76
N ASN D 28 -17.97 -68.46 14.84
CA ASN D 28 -18.91 -69.38 15.47
C ASN D 28 -20.00 -68.58 16.15
N MET D 29 -21.12 -68.45 15.45
CA MET D 29 -22.28 -67.76 15.96
C MET D 29 -23.16 -68.80 16.61
N PRO D 30 -23.98 -68.37 17.59
CA PRO D 30 -24.90 -69.35 18.17
C PRO D 30 -25.84 -69.62 17.02
N ASN D 31 -25.98 -70.93 16.74
CA ASN D 31 -26.73 -71.60 15.67
C ASN D 31 -26.07 -71.68 14.28
N HIS D 32 -24.84 -71.17 14.18
CA HIS D 32 -24.14 -71.07 12.88
C HIS D 32 -22.63 -71.14 13.03
N PRO D 33 -22.08 -72.36 13.04
CA PRO D 33 -20.61 -72.49 13.14
C PRO D 33 -19.94 -71.99 11.86
N ASN D 34 -18.76 -71.39 12.01
CA ASN D 34 -17.92 -70.93 10.88
C ASN D 34 -18.67 -70.00 9.90
N GLU D 35 -19.55 -69.15 10.44
CA GLU D 35 -20.32 -68.20 9.64
C GLU D 35 -19.40 -67.12 9.05
N TRP D 36 -19.56 -66.84 7.76
CA TRP D 36 -18.75 -65.84 7.06
C TRP D 36 -19.21 -64.44 7.49
N MET D 37 -18.23 -63.53 7.51
CA MET D 37 -18.48 -62.14 7.83
C MET D 37 -17.99 -61.26 6.69
N ILE D 38 -18.83 -61.16 5.67
CA ILE D 38 -18.50 -60.38 4.47
C ILE D 38 -18.77 -58.90 4.75
N SER D 39 -18.23 -58.01 3.92
CA SER D 39 -18.47 -56.57 4.06
C SER D 39 -18.12 -55.79 2.80
N SER D 40 -18.75 -54.61 2.71
CA SER D 40 -18.50 -53.62 1.67
C SER D 40 -17.98 -52.32 2.29
N GLN D 41 -16.91 -51.79 1.74
CA GLN D 41 -16.34 -50.54 2.26
C GLN D 41 -17.18 -49.34 1.83
N PHE D 42 -17.49 -48.45 2.78
CA PHE D 42 -18.25 -47.24 2.48
C PHE D 42 -17.73 -46.00 3.25
N LYS D 43 -18.11 -44.82 2.74
CA LYS D 43 -17.72 -43.50 3.25
C LYS D 43 -18.98 -42.67 3.37
N ASP D 44 -18.96 -41.68 4.27
CA ASP D 44 -20.04 -40.70 4.31
C ASP D 44 -19.79 -39.67 3.20
N SER D 45 -20.71 -38.75 2.98
CA SER D 45 -20.61 -37.80 1.86
C SER D 45 -19.52 -36.72 2.02
N HIS D 46 -18.93 -36.60 3.21
CA HIS D 46 -17.75 -35.75 3.42
C HIS D 46 -16.41 -36.52 3.26
N GLY D 47 -16.46 -37.77 2.80
CA GLY D 47 -15.26 -38.54 2.55
C GLY D 47 -14.64 -39.26 3.74
N ASN D 48 -15.36 -39.34 4.85
CA ASN D 48 -14.86 -40.05 6.04
C ASN D 48 -15.40 -41.47 6.06
N ILE D 49 -14.51 -42.41 6.39
CA ILE D 49 -14.86 -43.83 6.37
C ILE D 49 -15.95 -44.16 7.41
N GLY D 50 -16.93 -44.96 6.99
CA GLY D 50 -17.95 -45.49 7.91
C GLY D 50 -17.65 -46.94 8.25
N TYR D 51 -18.06 -47.39 9.43
CA TYR D 51 -17.98 -48.81 9.81
C TYR D 51 -19.33 -49.34 10.23
N CYS D 52 -19.54 -50.61 9.92
CA CYS D 52 -20.78 -51.31 10.19
C CYS D 52 -20.89 -51.75 11.66
N MET D 53 -22.09 -51.55 12.23
CA MET D 53 -22.41 -51.97 13.62
C MET D 53 -23.11 -53.31 13.70
N ASP D 54 -23.63 -53.77 12.56
CA ASP D 54 -24.50 -54.96 12.52
C ASP D 54 -24.01 -55.92 11.45
N SER D 55 -23.43 -57.05 11.88
CA SER D 55 -22.85 -58.00 10.94
C SER D 55 -23.82 -58.73 10.01
N GLU D 56 -25.12 -58.73 10.32
CA GLU D 56 -26.09 -59.48 9.56
C GLU D 56 -26.96 -58.64 8.62
N LEU D 57 -26.68 -57.35 8.48
CA LEU D 57 -27.48 -56.46 7.62
C LEU D 57 -26.62 -55.87 6.50
N PRO D 58 -27.23 -55.53 5.35
CA PRO D 58 -26.44 -54.95 4.24
C PRO D 58 -25.93 -53.51 4.49
N SER D 59 -24.92 -53.10 3.74
CA SER D 59 -24.37 -51.74 3.79
C SER D 59 -25.41 -50.65 3.58
N PRO D 60 -25.27 -49.51 4.28
CA PRO D 60 -26.27 -48.45 4.24
C PRO D 60 -26.10 -47.48 3.07
N THR D 61 -26.15 -48.02 1.87
CA THR D 61 -25.78 -47.32 0.61
C THR D 61 -26.81 -47.57 -0.50
N GLY D 62 -26.78 -46.73 -1.52
CA GLY D 62 -27.72 -46.80 -2.66
C GLY D 62 -28.94 -45.93 -2.46
N SER D 63 -29.85 -45.95 -3.44
CA SER D 63 -31.05 -45.10 -3.42
C SER D 63 -32.06 -45.51 -2.32
N GLY D 64 -32.15 -46.81 -2.06
CA GLY D 64 -32.98 -47.33 -0.97
C GLY D 64 -32.61 -46.74 0.38
N ALA D 65 -31.34 -46.86 0.76
CA ALA D 65 -30.81 -46.28 2.01
C ALA D 65 -31.14 -44.79 2.20
N GLY D 66 -30.79 -43.98 1.20
CA GLY D 66 -30.88 -42.52 1.32
C GLY D 66 -30.05 -42.06 2.52
N SER D 67 -30.52 -41.04 3.23
CA SER D 67 -29.92 -40.66 4.51
C SER D 67 -30.40 -41.57 5.65
N LEU D 68 -29.46 -41.89 6.55
CA LEU D 68 -29.74 -42.52 7.84
C LEU D 68 -29.82 -41.43 8.90
N LYS D 69 -30.89 -41.42 9.70
CA LYS D 69 -31.05 -40.48 10.80
C LYS D 69 -30.10 -40.79 11.95
N TYR D 70 -29.74 -39.74 12.70
CA TYR D 70 -28.92 -39.86 13.90
C TYR D 70 -29.49 -40.88 14.89
N LYS D 71 -28.63 -41.70 15.46
CA LYS D 71 -29.01 -42.69 16.46
C LYS D 71 -28.42 -42.38 17.82
N GLY D 72 -27.10 -42.24 17.89
CA GLY D 72 -26.42 -41.97 19.18
C GLY D 72 -24.95 -41.62 19.08
N ALA D 73 -24.37 -41.29 20.22
CA ALA D 73 -22.99 -40.83 20.32
C ALA D 73 -22.10 -42.02 20.55
N GLY D 74 -21.06 -42.16 19.73
CA GLY D 74 -20.13 -43.30 19.88
C GLY D 74 -19.28 -43.22 21.14
N SER D 75 -18.99 -44.37 21.73
CA SER D 75 -18.18 -44.43 22.96
C SER D 75 -16.70 -44.05 22.71
N ASP D 76 -15.95 -43.90 23.79
CA ASP D 76 -14.51 -43.69 23.72
C ASP D 76 -13.80 -44.85 22.98
N GLU D 77 -14.34 -46.07 23.13
CA GLU D 77 -13.78 -47.22 22.45
C GLU D 77 -13.88 -47.03 20.92
N PHE D 78 -15.04 -46.60 20.44
CA PHE D 78 -15.21 -46.32 19.02
C PHE D 78 -14.35 -45.14 18.55
N TYR D 79 -14.22 -44.11 19.36
CA TYR D 79 -13.31 -43.00 19.06
C TYR D 79 -11.90 -43.53 18.79
N ARG D 80 -11.40 -44.34 19.70
CA ARG D 80 -10.08 -44.91 19.57
C ARG D 80 -9.93 -45.89 18.39
N MET D 81 -11.00 -46.61 18.07
CA MET D 81 -10.97 -47.50 16.90
C MET D 81 -10.64 -46.68 15.66
N PHE D 82 -11.32 -45.54 15.48
CA PHE D 82 -11.03 -44.65 14.36
C PHE D 82 -9.60 -44.10 14.41
N LYS D 83 -9.20 -43.55 15.54
CA LYS D 83 -7.87 -42.93 15.68
CA LYS D 83 -7.87 -42.93 15.70
C LYS D 83 -6.72 -43.92 15.50
N GLY D 84 -6.89 -45.14 16.00
CA GLY D 84 -5.88 -46.20 15.94
C GLY D 84 -6.05 -47.23 14.83
N GLY D 85 -7.07 -47.05 13.99
CA GLY D 85 -7.38 -47.97 12.89
C GLY D 85 -7.29 -47.33 11.53
N PHE D 86 -7.79 -48.03 10.52
CA PHE D 86 -7.65 -47.59 9.13
C PHE D 86 -8.78 -46.60 8.82
N PRO D 87 -8.54 -45.54 8.04
CA PRO D 87 -7.26 -45.17 7.42
C PRO D 87 -6.41 -44.13 8.20
N SER D 88 -6.77 -43.85 9.44
CA SER D 88 -5.99 -42.95 10.30
C SER D 88 -4.55 -43.50 10.46
N LYS D 89 -4.45 -44.81 10.65
CA LYS D 89 -3.18 -45.52 10.55
C LYS D 89 -3.13 -46.28 9.22
N THR D 90 -1.93 -46.35 8.64
CA THR D 90 -1.72 -47.02 7.36
C THR D 90 -1.68 -48.54 7.54
N ALA D 91 -1.76 -49.26 6.44
CA ALA D 91 -1.56 -50.71 6.43
C ALA D 91 -0.24 -51.14 7.06
N LYS D 92 0.85 -50.52 6.63
CA LYS D 92 2.19 -50.81 7.17
C LYS D 92 2.28 -50.65 8.69
N GLU D 93 1.77 -49.51 9.19
CA GLU D 93 1.72 -49.24 10.63
C GLU D 93 0.90 -50.27 11.43
N LEU D 94 -0.18 -50.73 10.84
CA LEU D 94 -1.05 -51.76 11.47
C LEU D 94 -0.59 -53.22 11.33
N GLY D 95 0.38 -53.49 10.46
CA GLY D 95 0.88 -54.85 10.21
C GLY D 95 0.07 -55.57 9.14
N ALA D 96 -0.91 -54.89 8.55
CA ALA D 96 -1.67 -55.42 7.45
C ALA D 96 -0.81 -55.33 6.19
N GLY D 97 -1.03 -56.26 5.26
CA GLY D 97 -0.31 -56.32 4.00
C GLY D 97 -0.82 -55.40 2.91
N ASN D 98 -2.06 -54.92 3.04
CA ASN D 98 -2.67 -54.00 2.08
C ASN D 98 -3.85 -53.28 2.74
N ASP D 99 -4.41 -52.29 2.03
CA ASP D 99 -5.49 -51.46 2.58
C ASP D 99 -6.83 -52.20 2.82
N THR D 100 -7.10 -53.27 2.06
CA THR D 100 -8.30 -54.07 2.26
C THR D 100 -8.22 -54.83 3.57
N GLU D 101 -7.06 -55.44 3.83
CA GLU D 101 -6.79 -56.12 5.11
C GLU D 101 -6.87 -55.17 6.30
N ALA D 102 -6.28 -53.96 6.13
CA ALA D 102 -6.30 -52.95 7.21
C ALA D 102 -7.73 -52.49 7.51
N TRP D 103 -8.46 -52.16 6.45
CA TRP D 103 -9.87 -51.80 6.59
C TRP D 103 -10.70 -52.92 7.26
N TYR D 104 -10.55 -54.17 6.80
CA TYR D 104 -11.34 -55.28 7.35
C TYR D 104 -11.02 -55.52 8.82
N ALA D 105 -9.73 -55.46 9.16
CA ALA D 105 -9.28 -55.53 10.55
C ALA D 105 -10.00 -54.51 11.42
N THR D 106 -10.15 -53.31 10.90
CA THR D 106 -10.83 -52.25 11.63
C THR D 106 -12.34 -52.57 11.74
N GLN D 107 -12.95 -53.04 10.65
CA GLN D 107 -14.36 -53.44 10.67
C GLN D 107 -14.60 -54.60 11.66
N LEU D 108 -13.61 -55.48 11.81
CA LEU D 108 -13.70 -56.58 12.76
C LEU D 108 -13.78 -56.04 14.19
N VAL D 109 -12.92 -55.06 14.51
CA VAL D 109 -13.00 -54.31 15.78
C VAL D 109 -14.40 -53.67 15.96
N SER D 110 -14.88 -52.99 14.95
CA SER D 110 -16.23 -52.40 15.01
C SER D 110 -17.32 -53.42 15.37
N TRP D 111 -17.30 -54.59 14.72
CA TRP D 111 -18.30 -55.62 14.98
C TRP D 111 -18.25 -56.13 16.43
N VAL D 112 -17.03 -56.33 16.93
CA VAL D 112 -16.84 -56.77 18.32
C VAL D 112 -17.28 -55.70 19.31
N LEU D 113 -16.85 -54.46 19.10
CA LEU D 113 -17.24 -53.35 19.97
C LEU D 113 -18.74 -53.14 20.01
N ALA D 114 -19.40 -53.34 18.87
CA ALA D 114 -20.87 -53.21 18.77
C ALA D 114 -21.63 -54.41 19.38
N GLY D 115 -20.90 -55.45 19.79
CA GLY D 115 -21.47 -56.57 20.51
C GLY D 115 -22.05 -57.67 19.62
N ASN D 116 -21.63 -57.72 18.36
CA ASN D 116 -22.12 -58.73 17.42
C ASN D 116 -21.64 -60.16 17.80
N PHE D 117 -20.41 -60.24 18.27
CA PHE D 117 -19.81 -61.47 18.79
C PHE D 117 -18.58 -61.13 19.65
N LYS D 118 -18.21 -62.09 20.48
CA LYS D 118 -17.01 -62.02 21.31
CA LYS D 118 -17.00 -62.02 21.30
C LYS D 118 -15.78 -62.46 20.51
N VAL D 119 -14.60 -62.08 20.98
CA VAL D 119 -13.31 -62.46 20.38
C VAL D 119 -13.12 -63.98 20.41
N SER D 120 -13.58 -64.64 21.47
CA SER D 120 -13.49 -66.10 21.56
C SER D 120 -14.32 -66.84 20.49
N GLN D 121 -15.30 -66.17 19.89
CA GLN D 121 -16.05 -66.74 18.77
C GLN D 121 -15.35 -66.63 17.40
N ILE D 122 -14.31 -65.79 17.29
CA ILE D 122 -13.66 -65.59 16.00
C ILE D 122 -12.85 -66.84 15.60
N VAL D 123 -13.13 -67.36 14.40
CA VAL D 123 -12.35 -68.43 13.77
C VAL D 123 -11.31 -67.79 12.82
N TRP D 124 -10.02 -67.98 13.13
CA TRP D 124 -8.94 -67.28 12.43
C TRP D 124 -8.49 -68.04 11.21
N SER D 125 -9.42 -68.22 10.28
CA SER D 125 -9.16 -68.87 9.00
C SER D 125 -10.39 -68.71 8.10
N HIS D 126 -10.18 -68.76 6.80
CA HIS D 126 -11.21 -68.61 5.80
C HIS D 126 -10.79 -69.42 4.53
N PRO D 127 -11.73 -70.20 3.92
CA PRO D 127 -11.37 -71.05 2.78
C PRO D 127 -10.82 -70.38 1.50
N ASN D 128 -11.01 -69.07 1.36
CA ASN D 128 -10.58 -68.27 0.19
C ASN D 128 -9.32 -67.43 0.43
N HIS D 129 -8.73 -67.52 1.62
CA HIS D 129 -7.55 -66.73 1.95
C HIS D 129 -6.52 -67.57 2.67
N THR D 130 -5.24 -67.23 2.46
CA THR D 130 -4.13 -68.01 3.04
C THR D 130 -4.02 -67.69 4.53
N ALA D 131 -3.32 -68.57 5.25
CA ALA D 131 -3.03 -68.37 6.65
C ALA D 131 -2.25 -67.08 6.91
N ALA D 132 -1.34 -66.72 6.00
CA ALA D 132 -0.52 -65.49 6.14
C ALA D 132 -1.38 -64.23 6.00
N GLU D 133 -2.33 -64.24 5.05
CA GLU D 133 -3.32 -63.14 4.91
C GLU D 133 -4.13 -62.95 6.21
N THR D 134 -4.71 -64.04 6.69
CA THR D 134 -5.53 -64.01 7.90
C THR D 134 -4.69 -63.56 9.11
N ALA D 135 -3.45 -64.03 9.21
CA ALA D 135 -2.54 -63.66 10.31
C ALA D 135 -2.16 -62.17 10.33
N ARG D 136 -1.96 -61.57 9.16
CA ARG D 136 -1.77 -60.11 9.09
C ARG D 136 -3.01 -59.38 9.59
N VAL D 137 -4.19 -59.86 9.16
CA VAL D 137 -5.46 -59.31 9.67
C VAL D 137 -5.57 -59.45 11.19
N LYS D 138 -5.24 -60.63 11.71
CA LYS D 138 -5.26 -60.89 13.16
C LYS D 138 -4.31 -59.93 13.92
N LYS D 139 -3.10 -59.76 13.42
CA LYS D 139 -2.12 -58.83 13.99
C LYS D 139 -2.66 -57.38 14.00
N ALA D 140 -3.18 -56.94 12.86
CA ALA D 140 -3.82 -55.60 12.76
C ALA D 140 -4.99 -55.45 13.73
N PHE D 141 -5.90 -56.45 13.74
CA PHE D 141 -7.04 -56.49 14.67
C PHE D 141 -6.61 -56.30 16.13
N GLU D 142 -5.66 -57.11 16.57
CA GLU D 142 -5.18 -57.07 17.95
C GLU D 142 -4.55 -55.74 18.34
N LYS D 143 -3.82 -55.14 17.42
CA LYS D 143 -3.29 -53.79 17.64
C LYS D 143 -4.44 -52.82 17.87
N ILE D 144 -5.37 -52.77 16.92
CA ILE D 144 -6.46 -51.79 16.97
C ILE D 144 -7.37 -52.04 18.19
N TYR D 145 -7.73 -53.31 18.41
CA TYR D 145 -8.63 -53.69 19.50
C TYR D 145 -8.03 -53.35 20.86
N ASP D 146 -6.77 -53.73 21.06
CA ASP D 146 -6.05 -53.40 22.29
C ASP D 146 -6.10 -51.89 22.59
N TYR D 147 -5.85 -51.08 21.57
CA TYR D 147 -5.92 -49.64 21.71
C TYR D 147 -7.36 -49.15 22.03
N ALA D 148 -8.34 -49.67 21.29
CA ALA D 148 -9.75 -49.32 21.52
C ALA D 148 -10.25 -49.65 22.93
N LYS D 149 -9.94 -50.84 23.42
CA LYS D 149 -10.31 -51.28 24.77
C LYS D 149 -9.49 -50.59 25.86
N ASN D 150 -8.17 -50.57 25.68
CA ASN D 150 -7.24 -50.26 26.77
C ASN D 150 -6.52 -48.92 26.68
N GLY D 151 -6.61 -48.23 25.53
CA GLY D 151 -6.01 -46.90 25.35
C GLY D 151 -6.72 -45.87 26.19
N LYS D 152 -6.10 -44.72 26.39
CA LYS D 152 -6.60 -43.68 27.31
C LYS D 152 -7.25 -42.47 26.64
N ASP D 153 -6.97 -42.26 25.35
CA ASP D 153 -7.37 -41.03 24.63
C ASP D 153 -8.88 -41.02 24.38
N THR D 154 -9.46 -39.84 24.48
CA THR D 154 -10.91 -39.64 24.36
C THR D 154 -11.16 -38.40 23.51
N PRO D 155 -12.41 -38.18 23.07
CA PRO D 155 -12.74 -36.91 22.38
C PRO D 155 -13.02 -35.71 23.33
N ASN D 156 -12.65 -35.82 24.60
CA ASN D 156 -12.93 -34.80 25.61
C ASN D 156 -12.37 -33.42 25.18
N THR D 157 -13.18 -32.39 25.36
CA THR D 157 -12.79 -31.00 25.19
C THR D 157 -12.30 -30.49 26.54
N GLU D 158 -11.03 -30.07 26.59
CA GLU D 158 -10.49 -29.37 27.74
C GLU D 158 -10.75 -27.87 27.51
N PHE D 159 -11.22 -27.19 28.54
CA PHE D 159 -11.35 -25.73 28.51
C PHE D 159 -11.12 -25.13 29.90
N SER D 160 -10.27 -24.11 29.96
CA SER D 160 -10.03 -23.38 31.19
C SER D 160 -9.75 -21.89 30.96
N ILE D 161 -10.17 -21.09 31.92
CA ILE D 161 -9.80 -19.70 32.07
C ILE D 161 -9.14 -19.60 33.44
N THR D 162 -7.90 -19.11 33.45
CA THR D 162 -7.09 -19.06 34.67
C THR D 162 -6.49 -17.66 34.84
N ALA D 163 -6.69 -17.09 36.02
CA ALA D 163 -6.10 -15.79 36.38
C ALA D 163 -4.61 -15.96 36.43
N SER D 164 -3.88 -15.06 35.77
CA SER D 164 -2.41 -15.12 35.70
C SER D 164 -1.76 -14.02 36.55
N LYS D 165 -2.31 -12.80 36.47
CA LYS D 165 -1.77 -11.68 37.22
C LYS D 165 -2.80 -10.57 37.38
N THR D 166 -2.52 -9.69 38.35
CA THR D 166 -3.30 -8.48 38.57
C THR D 166 -2.32 -7.32 38.71
N ALA D 167 -2.70 -6.14 38.27
CA ALA D 167 -1.91 -4.94 38.48
C ALA D 167 -2.73 -3.68 38.32
N ASP D 168 -2.30 -2.63 39.03
CA ASP D 168 -2.82 -1.30 38.81
C ASP D 168 -1.99 -0.67 37.69
N GLU D 169 -2.69 -0.11 36.70
CA GLU D 169 -2.07 0.50 35.52
C GLU D 169 -2.91 1.72 35.13
N GLY D 170 -2.29 2.89 35.17
CA GLY D 170 -2.99 4.15 34.94
C GLY D 170 -4.19 4.30 35.86
N LYS D 171 -5.35 4.52 35.26
CA LYS D 171 -6.60 4.71 36.00
C LYS D 171 -7.43 3.42 36.15
N TYR D 172 -6.79 2.24 36.03
CA TYR D 172 -7.50 0.96 36.12
C TYR D 172 -6.83 -0.03 37.06
N HIS D 173 -7.66 -0.77 37.80
CA HIS D 173 -7.26 -2.07 38.33
C HIS D 173 -7.38 -3.04 37.15
N THR D 174 -6.33 -3.81 36.88
CA THR D 174 -6.30 -4.76 35.75
C THR D 174 -6.23 -6.22 36.22
N PHE D 175 -6.92 -7.10 35.51
CA PHE D 175 -6.95 -8.54 35.83
C PHE D 175 -6.76 -9.31 34.53
N THR D 176 -5.62 -9.99 34.42
CA THR D 176 -5.30 -10.77 33.23
C THR D 176 -5.61 -12.24 33.47
N TYR D 177 -6.15 -12.89 32.45
CA TYR D 177 -6.53 -14.32 32.48
C TYR D 177 -5.95 -15.02 31.24
N LYS D 178 -5.54 -16.28 31.42
CA LYS D 178 -5.15 -17.14 30.29
C LYS D 178 -6.30 -18.10 29.93
N THR D 179 -6.62 -18.20 28.64
CA THR D 179 -7.53 -19.22 28.13
C THR D 179 -6.72 -20.40 27.61
N ALA D 180 -7.28 -21.60 27.70
CA ALA D 180 -6.63 -22.80 27.18
C ALA D 180 -7.68 -23.82 26.72
N SER D 181 -7.38 -24.51 25.63
CA SER D 181 -8.22 -25.58 25.10
C SER D 181 -7.43 -26.47 24.16
N ASN D 182 -7.82 -27.74 24.11
CA ASN D 182 -7.30 -28.66 23.09
C ASN D 182 -8.14 -28.68 21.81
N LYS D 183 -9.14 -27.80 21.69
CA LYS D 183 -9.94 -27.65 20.46
C LYS D 183 -9.91 -26.19 20.01
N THR D 184 -10.14 -25.96 18.72
CA THR D 184 -10.16 -24.60 18.15
C THR D 184 -11.59 -24.02 18.22
N GLY D 185 -11.65 -22.70 18.40
CA GLY D 185 -12.90 -21.96 18.54
C GLY D 185 -12.69 -20.69 19.33
N ASN D 186 -13.69 -20.32 20.13
CA ASN D 186 -13.63 -19.12 20.99
C ASN D 186 -14.48 -19.34 22.23
N ALA D 187 -14.48 -18.36 23.13
CA ALA D 187 -15.32 -18.40 24.31
C ALA D 187 -16.06 -17.09 24.51
N LYS D 188 -17.25 -17.21 25.10
CA LYS D 188 -18.12 -16.08 25.44
C LYS D 188 -18.11 -15.91 26.95
N LEU D 189 -17.87 -14.69 27.41
CA LEU D 189 -17.92 -14.38 28.84
C LEU D 189 -19.35 -14.07 29.27
N THR D 190 -19.75 -14.63 30.42
CA THR D 190 -20.99 -14.25 31.09
C THR D 190 -20.63 -13.72 32.47
N PHE D 191 -21.09 -12.52 32.78
CA PHE D 191 -20.87 -11.91 34.10
C PHE D 191 -22.01 -12.28 35.02
N THR D 192 -21.65 -12.86 36.16
CA THR D 192 -22.64 -13.42 37.09
C THR D 192 -22.91 -12.52 38.28
N SER D 193 -22.25 -11.37 38.33
CA SER D 193 -22.56 -10.29 39.26
C SER D 193 -22.61 -8.98 38.50
N ALA D 194 -22.93 -7.91 39.23
CA ALA D 194 -22.94 -6.55 38.70
C ALA D 194 -21.57 -6.16 38.13
N LYS D 195 -21.59 -5.58 36.94
CA LYS D 195 -20.39 -5.05 36.31
C LYS D 195 -20.17 -3.61 36.77
N PRO D 196 -18.97 -3.29 37.30
CA PRO D 196 -18.74 -1.88 37.67
C PRO D 196 -18.79 -0.96 36.45
N ALA D 197 -19.24 0.27 36.67
CA ALA D 197 -19.28 1.30 35.61
C ALA D 197 -17.89 1.51 35.02
N GLY D 198 -17.83 1.69 33.70
CA GLY D 198 -16.56 1.92 32.99
C GLY D 198 -15.65 0.72 32.89
N MET D 199 -16.16 -0.48 33.17
CA MET D 199 -15.38 -1.72 32.99
C MET D 199 -15.09 -1.94 31.51
N LYS D 200 -13.86 -2.30 31.20
CA LYS D 200 -13.47 -2.65 29.83
C LYS D 200 -12.73 -3.98 29.81
N ILE D 201 -12.76 -4.63 28.63
CA ILE D 201 -12.05 -5.89 28.39
C ILE D 201 -11.14 -5.70 27.18
N TYR D 202 -9.90 -6.19 27.29
CA TYR D 202 -8.91 -6.10 26.19
C TYR D 202 -8.36 -7.48 25.83
N ASP D 203 -8.14 -7.71 24.53
CA ASP D 203 -7.48 -8.93 24.05
C ASP D 203 -5.96 -8.88 24.32
N ALA D 204 -5.24 -9.92 23.91
CA ALA D 204 -3.80 -10.03 24.14
C ALA D 204 -2.97 -8.98 23.42
N ASP D 205 -3.50 -8.39 22.35
CA ASP D 205 -2.82 -7.32 21.60
C ASP D 205 -3.10 -5.92 22.16
N GLY D 206 -3.90 -5.83 23.23
CA GLY D 206 -4.27 -4.54 23.84
C GLY D 206 -5.44 -3.84 23.19
N LYS D 207 -6.17 -4.53 22.33
CA LYS D 207 -7.32 -3.98 21.61
C LYS D 207 -8.60 -4.35 22.36
N GLU D 208 -9.52 -3.41 22.45
CA GLU D 208 -10.72 -3.55 23.24
C GLU D 208 -11.68 -4.58 22.63
N ILE D 209 -12.24 -5.42 23.51
CA ILE D 209 -13.29 -6.36 23.17
C ILE D 209 -14.61 -5.74 23.60
N THR D 210 -15.59 -5.73 22.69
CA THR D 210 -16.92 -5.19 22.96
C THR D 210 -18.07 -6.18 22.71
N ASN D 211 -17.76 -7.40 22.29
CA ASN D 211 -18.78 -8.43 22.06
C ASN D 211 -18.64 -9.60 23.06
N ASN D 212 -17.93 -9.36 24.16
CA ASN D 212 -17.66 -10.35 25.24
C ASN D 212 -17.03 -11.67 24.79
N THR D 213 -16.31 -11.65 23.67
CA THR D 213 -15.75 -12.87 23.09
C THR D 213 -14.23 -12.84 23.19
N VAL D 214 -13.63 -13.96 23.60
CA VAL D 214 -12.19 -14.09 23.78
C VAL D 214 -11.66 -15.27 22.99
N LYS D 215 -10.37 -15.25 22.73
CA LYS D 215 -9.72 -16.30 22.00
C LYS D 215 -9.29 -17.39 22.96
N LEU D 216 -9.18 -18.62 22.44
CA LEU D 216 -8.65 -19.77 23.18
C LEU D 216 -7.15 -19.89 23.00
N ASN D 217 -6.45 -20.39 24.01
CA ASN D 217 -4.98 -20.44 24.02
C ASN D 217 -4.37 -19.05 23.79
N SER D 218 -4.87 -18.11 24.60
CA SER D 218 -4.53 -16.71 24.48
C SER D 218 -4.66 -16.07 25.87
N SER D 219 -4.83 -14.75 25.90
CA SER D 219 -5.14 -14.09 27.15
C SER D 219 -6.03 -12.90 26.90
N PHE D 220 -6.65 -12.44 27.98
CA PHE D 220 -7.38 -11.18 27.96
C PHE D 220 -7.23 -10.50 29.30
N THR D 221 -7.60 -9.23 29.33
CA THR D 221 -7.47 -8.42 30.54
C THR D 221 -8.80 -7.68 30.77
N ILE D 222 -9.30 -7.77 32.01
CA ILE D 222 -10.45 -6.99 32.47
C ILE D 222 -9.90 -5.77 33.22
N LYS D 223 -10.48 -4.61 32.96
CA LYS D 223 -10.04 -3.35 33.58
C LYS D 223 -11.19 -2.68 34.32
N VAL D 224 -10.95 -2.37 35.59
CA VAL D 224 -11.97 -1.80 36.47
C VAL D 224 -11.42 -0.45 36.92
N PRO D 225 -12.15 0.65 36.68
CA PRO D 225 -11.62 1.97 37.07
C PRO D 225 -11.24 2.05 38.56
N VAL D 226 -10.09 2.66 38.87
CA VAL D 226 -9.65 2.82 40.25
C VAL D 226 -10.58 3.67 41.12
N THR D 227 -11.48 4.40 40.49
CA THR D 227 -12.57 5.11 41.17
C THR D 227 -13.68 4.20 41.72
N THR D 228 -13.73 2.95 41.26
CA THR D 228 -14.76 2.02 41.66
C THR D 228 -14.64 1.70 43.15
N PRO D 229 -15.77 1.74 43.89
CA PRO D 229 -15.80 1.30 45.29
C PRO D 229 -15.25 -0.12 45.50
N SER D 230 -14.55 -0.35 46.60
CA SER D 230 -13.93 -1.63 46.88
C SER D 230 -14.93 -2.76 46.72
N GLY D 231 -14.53 -3.85 46.08
CA GLY D 231 -15.44 -4.97 45.89
C GLY D 231 -14.97 -6.05 44.94
N THR D 232 -15.93 -6.81 44.43
CA THR D 232 -15.65 -7.96 43.60
C THR D 232 -16.57 -8.05 42.39
N LEU D 233 -16.09 -8.78 41.40
CA LEU D 233 -16.79 -9.07 40.17
C LEU D 233 -16.60 -10.57 39.93
N SER D 234 -17.64 -11.26 39.45
CA SER D 234 -17.49 -12.67 39.11
C SER D 234 -17.95 -12.94 37.69
N PHE D 235 -17.32 -13.91 37.03
CA PHE D 235 -17.69 -14.31 35.67
C PHE D 235 -17.28 -15.74 35.34
N LYS D 236 -17.78 -16.23 34.20
CA LYS D 236 -17.31 -17.48 33.60
C LYS D 236 -17.25 -17.31 32.10
N GLY D 237 -16.59 -18.27 31.44
CA GLY D 237 -16.53 -18.34 29.99
C GLY D 237 -17.25 -19.58 29.53
N THR D 238 -17.84 -19.53 28.35
CA THR D 238 -18.42 -20.71 27.69
C THR D 238 -17.72 -20.88 26.36
N ALA D 239 -16.87 -21.90 26.25
CA ALA D 239 -16.17 -22.19 24.99
C ALA D 239 -17.15 -22.72 23.96
N ASN D 240 -16.90 -22.35 22.71
CA ASN D 240 -17.64 -22.88 21.59
C ASN D 240 -16.58 -23.37 20.63
N VAL D 241 -16.48 -24.68 20.50
CA VAL D 241 -15.39 -25.31 19.78
C VAL D 241 -15.86 -26.24 18.68
N SER D 242 -14.92 -26.57 17.82
CA SER D 242 -15.08 -27.56 16.80
C SER D 242 -14.55 -28.86 17.39
N THR D 243 -15.27 -29.96 17.21
CA THR D 243 -14.85 -31.27 17.69
C THR D 243 -15.27 -32.35 16.67
N THR D 244 -14.40 -33.33 16.46
CA THR D 244 -14.66 -34.47 15.56
C THR D 244 -14.79 -35.74 16.41
N ASN D 245 -16.05 -36.21 16.56
CA ASN D 245 -16.42 -37.34 17.43
C ASN D 245 -17.13 -38.44 16.61
N PRO D 246 -17.13 -39.69 17.11
CA PRO D 246 -17.85 -40.75 16.42
C PRO D 246 -19.34 -40.72 16.76
N PHE D 247 -20.17 -40.87 15.73
CA PHE D 247 -21.62 -40.95 15.92
C PHE D 247 -22.18 -42.15 15.16
N THR D 248 -23.27 -42.71 15.70
CA THR D 248 -23.96 -43.82 15.07
C THR D 248 -25.23 -43.34 14.41
N PHE D 249 -25.57 -44.01 13.31
CA PHE D 249 -26.74 -43.71 12.51
C PHE D 249 -27.64 -44.93 12.26
N ASP D 250 -28.92 -44.65 12.12
CA ASP D 250 -29.98 -45.66 12.21
C ASP D 250 -30.29 -46.22 10.81
N GLY D 251 -29.94 -47.50 10.62
CA GLY D 251 -30.28 -48.24 9.41
C GLY D 251 -31.71 -48.76 9.30
N ARG D 252 -32.51 -48.50 10.33
CA ARG D 252 -33.97 -48.72 10.36
C ARG D 252 -34.33 -50.20 10.30
N GLY D 253 -33.45 -51.07 10.78
CA GLY D 253 -33.59 -52.50 10.71
C GLY D 253 -33.62 -53.12 9.31
N VAL D 254 -33.25 -52.34 8.31
CA VAL D 254 -33.20 -52.79 6.90
C VAL D 254 -31.74 -52.78 6.44
N TYR D 255 -31.07 -51.66 6.67
CA TYR D 255 -29.62 -51.57 6.50
C TYR D 255 -28.96 -51.60 7.86
N GLN D 256 -27.69 -51.94 7.89
CA GLN D 256 -26.94 -51.91 9.15
C GLN D 256 -26.90 -50.49 9.69
N ASP D 257 -26.87 -50.39 11.02
CA ASP D 257 -26.43 -49.17 11.68
C ASP D 257 -24.96 -48.94 11.36
N ALA D 258 -24.56 -47.68 11.30
CA ALA D 258 -23.21 -47.29 10.94
C ALA D 258 -22.63 -46.21 11.86
N VAL D 259 -21.33 -46.30 12.10
CA VAL D 259 -20.60 -45.34 12.92
C VAL D 259 -19.57 -44.62 12.02
N VAL D 260 -19.41 -43.33 12.27
CA VAL D 260 -18.57 -42.47 11.43
C VAL D 260 -18.14 -41.23 12.24
N MET D 261 -16.93 -40.74 11.97
CA MET D 261 -16.43 -39.54 12.62
C MET D 261 -17.04 -38.33 11.93
N ILE D 262 -17.68 -37.47 12.71
CA ILE D 262 -18.26 -36.23 12.21
C ILE D 262 -17.74 -35.01 12.99
N THR D 263 -17.36 -33.97 12.23
CA THR D 263 -16.98 -32.69 12.79
C THR D 263 -18.27 -31.95 13.16
N THR D 264 -18.39 -31.58 14.44
CA THR D 264 -19.53 -30.80 14.92
C THR D 264 -19.04 -29.73 15.92
N SER D 265 -19.95 -29.03 16.58
CA SER D 265 -19.60 -28.06 17.63
C SER D 265 -19.88 -28.60 19.02
N GLU D 266 -19.22 -28.04 20.03
CA GLU D 266 -19.44 -28.33 21.44
C GLU D 266 -19.31 -27.05 22.27
N THR D 267 -20.21 -26.87 23.23
CA THR D 267 -20.11 -25.82 24.24
C THR D 267 -19.65 -26.40 25.57
N LYS D 268 -18.81 -25.65 26.30
CA LYS D 268 -18.34 -26.08 27.62
C LYS D 268 -17.96 -24.88 28.48
N ASP D 269 -18.40 -24.89 29.73
CA ASP D 269 -18.08 -23.82 30.70
C ASP D 269 -16.71 -23.96 31.33
N SER D 270 -16.09 -22.81 31.60
CA SER D 270 -14.96 -22.70 32.51
C SER D 270 -15.46 -22.78 33.93
N LYS D 271 -14.54 -22.76 34.88
CA LYS D 271 -14.88 -22.45 36.26
C LYS D 271 -15.32 -20.98 36.45
N SER D 272 -15.90 -20.71 37.61
CA SER D 272 -16.24 -19.37 38.03
C SER D 272 -14.97 -18.64 38.52
N LEU D 273 -14.79 -17.41 38.06
CA LEU D 273 -13.64 -16.58 38.44
C LEU D 273 -14.12 -15.33 39.11
N SER D 274 -13.33 -14.83 40.07
CA SER D 274 -13.57 -13.53 40.71
C SER D 274 -12.36 -12.61 40.55
N ALA D 275 -12.64 -11.35 40.23
CA ALA D 275 -11.67 -10.26 40.28
C ALA D 275 -12.01 -9.45 41.52
N LYS D 276 -11.01 -9.12 42.32
CA LYS D 276 -11.21 -8.35 43.54
C LYS D 276 -10.29 -7.14 43.53
N TRP D 277 -10.78 -5.98 44.01
CA TRP D 277 -10.00 -4.75 44.09
C TRP D 277 -10.37 -3.93 45.33
N THR D 278 -9.45 -3.09 45.77
CA THR D 278 -9.66 -2.18 46.89
C THR D 278 -9.40 -0.74 46.40
N ARG D 279 -10.36 0.13 46.70
CA ARG D 279 -10.25 1.54 46.34
C ARG D 279 -9.21 2.19 47.23
N ALA D 280 -8.25 2.86 46.59
CA ALA D 280 -7.21 3.63 47.30
C ALA D 280 -7.84 4.86 47.94
O1 PG4 E . 27.14 17.88 29.31
C1 PG4 E . 27.75 17.45 30.54
C2 PG4 E . 29.03 16.68 30.22
O2 PG4 E . 29.42 15.88 31.33
C3 PG4 E . 28.69 14.66 31.50
C4 PG4 E . 29.65 13.50 31.48
O3 PG4 E . 29.57 12.68 32.66
C5 PG4 E . 30.37 11.50 32.44
C6 PG4 E . 31.21 11.03 33.62
O4 PG4 E . 32.25 10.10 33.24
C7 PG4 E . 32.88 9.49 34.37
C8 PG4 E . 34.02 8.58 33.90
O5 PG4 E . 35.20 8.70 34.73
C1 GOL F . -10.78 -32.55 15.84
O1 GOL F . -11.92 -31.66 15.88
C2 GOL F . -10.67 -33.36 17.13
O2 GOL F . -11.83 -33.08 17.93
C3 GOL F . -10.56 -34.85 16.83
O3 GOL F . -10.41 -35.68 17.99
#